data_9GFM
#
_entry.id   9GFM
#
loop_
_entity.id
_entity.type
_entity.pdbx_description
1 polymer 'INO80 complex subunit B'
2 polymer 'Nucleosomal DNA strand 1'
3 polymer 'Nucleosomal DNA strand 2'
4 polymer 'Histone H3.1'
5 polymer 'Histone H4'
6 polymer 'Histone H2A type 1-B/E'
7 polymer 'Histone H2B type 2-E'
8 polymer 'Histone H3.1'
9 polymer 'Histone H4'
10 polymer 'Histone H2A type 1-B/E'
11 polymer 'Histone H2B type 2-E'
#
loop_
_entity_poly.entity_id
_entity_poly.type
_entity_poly.pdbx_seq_one_letter_code
_entity_poly.pdbx_strand_id
1 'polypeptide(L)' GLGGQEEEEEQRWLDALEKGELDDNGDLKKEINERLLTARQRALLQKARS H
2 'polydeoxyribonucleotide'
;(DA)(DC)(DA)(DT)(DG)(DC)(DA)(DC)(DA)(DG)(DG)(DA)(DT)(DG)(DT)(DA)(DT)(DA)(DT)(DA)
(DT)(DC)(DT)(DG)(DA)(DC)(DA)(DC)(DG)(DT)(DG)(DC)(DC)(DT)(DG)(DG)(DA)(DG)(DA)(DC)
(DT)(DA)(DG)(DG)(DG)(DA)(DG)(DT)(DA)(DA)(DT)(DC)(DC)(DC)(DC)(DT)(DT)(DG)(DG)(DC)
(DG)(DG)(DT)(DT)(DA)(DA)(DA)(DA)(DC)(DG)(DC)(DG)(DG)(DG)(DG)(DG)(DA)(DC)(DA)(DG)
(DC)(DG)(DC)(DG)(DT)(DA)(DC)(DG)(DT)(DG)(DC)(DG)(DT)(DT)(DT)(DA)(DA)(DG)(DC)(DG)
(DG)(DT)(DG)(DC)(DT)(DA)(DG)(DA)(DG)(DC)(DT)(DG)(DT)(DC)(DT)(DA)(DC)(DG)(DA)(DC)
(DC)(DA)(DA)(DT)(DT)(DG)(DA)(DG)(DC)(DG)(DG)(DC)(DC)(DT)(DC)(DG)(DG)(DC)(DA)
;
K
3 'polydeoxyribonucleotide'
;(DT)(DG)(DC)(DC)(DG)(DA)(DG)(DG)(DC)(DC)(DG)(DC)(DT)(DC)(DA)(DA)(DT)(DT)(DG)(DG)
(DT)(DC)(DG)(DT)(DA)(DG)(DA)(DC)(DA)(DG)(DC)(DT)(DC)(DT)(DA)(DG)(DC)(DA)(DC)(DC)
(DG)(DC)(DT)(DT)(DA)(DA)(DA)(DC)(DG)(DC)(DA)(DC)(DG)(DT)(DA)(DC)(DG)(DC)(DG)(DC)
(DT)(DG)(DT)(DC)(DC)(DC)(DC)(DC)(DG)(DC)(DG)(DT)(DT)(DT)(DT)(DA)(DA)(DC)(DC)(DG)
(DC)(DC)(DA)(DA)(DG)(DG)(DG)(DG)(DA)(DT)(DT)(DA)(DC)(DT)(DC)(DC)(DC)(DT)(DA)(DG)
(DT)(DC)(DT)(DC)(DC)(DA)(DG)(DG)(DC)(DA)(DC)(DG)(DT)(DG)(DT)(DC)(DA)(DG)(DA)(DT)
(DA)(DT)(DA)(DT)(DA)(DC)(DA)(DT)(DC)(DC)(DT)(DG)(DT)(DG)(DC)(DA)(DT)(DG)(DT)
;
L
4 'polypeptide(L)'
;PGTVALREIRRYQKSTELLIRKLPFQRLVREIAQDFKTDLRFQSSAVMALQEACEAYLVGLFEDTNLCAIHAKRVTIMPK
DIQLARRIRGERA
;
M
5 'polypeptide(L)'
;VLRDNIQGITKPAIRRLARRGGVKRISGLIYEETRGVLKVFLENVIRDAVTYTEHAKRKTVTAMDVVYALKRQGRTLYGF
GG
;
N
6 'polypeptide(L)'
;KAKTRSSRAGLQFPVGRVHRLLRKGNYSERVGAGAPVYLAAVLEYLTAEILELAGNAARDNKKTRIIPRHLQLAIRNDEE
LNKLLGRVTIAQGGVLPNIQAVLLPK
;
O
7 'polypeptide(L)'
;KRSRKESYSIYVYKVLKQVHPDTGISSKAMGIMNSFVNDIFERIAGEASRLAHYNKRSTITSREIQTAVRLLLPGELAKH
AVSEGTKAVTKYTSAK
;
P
8 'polypeptide(L)'
;KKPHRYRPGTVALREIRRYQKSTELLIRKLPFQRLVREIAQDFKTDLRFQSSAVMALQEACEAYLVGLFEDTNLCAIHAK
RVTIMPKDIQLARRIRGERA
;
Q
9 'polypeptide(L)' DNIQGITKPAIRRLARRGGVKRISGLIYEETRGVLKVFLENVIRDAVTYTEHAKRKTVTAMDVVYALKRQGRTLYGFGG R
10 'polypeptide(L)'
;GKARAKAKTRSSRAGLQFPVGRVHRLLRKGNYSERVGAGAPVYLAAVLEYLTAEILELAGNAARDNKKTRIIPRHLQLAI
RNDEELNKLLGRVTIAQGGVLPNIQAVLLPK
;
S
11 'polypeptide(L)'
;RSRKESYSIYVYKVLKQVHPDTGISSKAMGIMNSFVNDIFERIAGEASRLAHYNKRSTITSREIQTAVRLLLPGELAKHA
VSEGTKAVTKYTS
;
T
#
loop_
_chem_comp.id
_chem_comp.type
_chem_comp.name
_chem_comp.formula
DA DNA linking 2'-DEOXYADENOSINE-5'-MONOPHOSPHATE 'C10 H14 N5 O6 P'
DC DNA linking 2'-DEOXYCYTIDINE-5'-MONOPHOSPHATE 'C9 H14 N3 O7 P'
DG DNA linking 2'-DEOXYGUANOSINE-5'-MONOPHOSPHATE 'C10 H14 N5 O7 P'
DT DNA linking THYMIDINE-5'-MONOPHOSPHATE 'C10 H15 N2 O8 P'
#
# COMPACT_ATOMS: atom_id res chain seq x y z
N GLY A 1 -18.58 -40.89 -19.63
CA GLY A 1 -17.29 -41.10 -18.95
C GLY A 1 -17.15 -40.25 -17.70
N LEU A 2 -16.02 -40.38 -16.99
CA LEU A 2 -15.78 -39.72 -15.69
C LEU A 2 -15.82 -38.17 -15.76
N GLY A 3 -15.56 -37.56 -16.92
CA GLY A 3 -15.70 -36.11 -17.12
C GLY A 3 -17.10 -35.56 -16.86
N GLY A 4 -18.13 -36.42 -16.90
CA GLY A 4 -19.49 -36.06 -16.49
C GLY A 4 -19.62 -35.70 -15.00
N GLN A 5 -18.72 -36.17 -14.14
CA GLN A 5 -18.68 -35.82 -12.71
C GLN A 5 -18.17 -34.38 -12.48
N GLU A 6 -17.22 -33.93 -13.29
CA GLU A 6 -16.74 -32.53 -13.33
C GLU A 6 -17.78 -31.60 -13.96
N GLU A 7 -18.46 -32.05 -15.02
CA GLU A 7 -19.56 -31.31 -15.66
C GLU A 7 -20.82 -31.22 -14.79
N GLU A 8 -21.13 -32.24 -13.97
CA GLU A 8 -22.37 -32.28 -13.17
C GLU A 8 -22.45 -31.13 -12.14
N GLU A 9 -21.34 -30.72 -11.51
CA GLU A 9 -21.36 -29.54 -10.64
C GLU A 9 -21.85 -28.30 -11.41
N GLU A 10 -21.33 -28.10 -12.62
CA GLU A 10 -21.74 -26.99 -13.47
C GLU A 10 -23.17 -27.17 -14.02
N GLN A 11 -23.60 -28.40 -14.28
CA GLN A 11 -24.98 -28.72 -14.68
C GLN A 11 -25.96 -28.31 -13.57
N ARG A 12 -25.64 -28.64 -12.32
CA ARG A 12 -26.41 -28.23 -11.13
C ARG A 12 -26.35 -26.72 -10.95
N TRP A 13 -25.17 -26.13 -11.11
CA TRP A 13 -24.97 -24.68 -11.00
C TRP A 13 -25.77 -23.90 -12.05
N LEU A 14 -25.97 -24.47 -13.24
CA LEU A 14 -26.84 -23.93 -14.29
C LEU A 14 -28.32 -24.10 -13.95
N ASP A 15 -28.75 -25.26 -13.45
CA ASP A 15 -30.14 -25.45 -13.02
C ASP A 15 -30.51 -24.47 -11.87
N ALA A 16 -29.59 -24.28 -10.92
CA ALA A 16 -29.72 -23.29 -9.86
C ALA A 16 -29.69 -21.85 -10.38
N LEU A 17 -29.02 -21.57 -11.51
CA LEU A 17 -29.06 -20.26 -12.16
C LEU A 17 -30.39 -19.97 -12.84
N GLU A 18 -31.04 -20.96 -13.45
CA GLU A 18 -32.42 -20.78 -13.95
C GLU A 18 -33.37 -20.45 -12.79
N LYS A 19 -33.20 -21.14 -11.66
CA LYS A 19 -34.00 -20.95 -10.44
C LYS A 19 -33.69 -19.63 -9.73
N GLY A 20 -32.46 -19.12 -9.86
CA GLY A 20 -31.99 -17.91 -9.19
C GLY A 20 -31.73 -18.09 -7.68
N GLU A 21 -31.69 -19.32 -7.17
CA GLU A 21 -31.55 -19.63 -5.73
C GLU A 21 -30.12 -19.45 -5.18
N LEU A 22 -29.19 -19.00 -6.01
CA LEU A 22 -27.77 -18.85 -5.71
C LEU A 22 -27.49 -17.84 -4.59
N ASP A 23 -26.31 -17.91 -3.98
CA ASP A 23 -25.92 -17.01 -2.88
C ASP A 23 -25.48 -15.61 -3.33
N ASP A 24 -25.02 -14.78 -2.40
CA ASP A 24 -24.50 -13.42 -2.65
C ASP A 24 -23.22 -13.37 -3.50
N ASN A 25 -22.65 -14.52 -3.88
CA ASN A 25 -21.55 -14.62 -4.84
C ASN A 25 -22.00 -15.30 -6.15
N GLY A 26 -23.26 -15.74 -6.26
CA GLY A 26 -23.75 -16.47 -7.42
C GLY A 26 -23.30 -17.92 -7.48
N ASP A 27 -22.76 -18.45 -6.39
CA ASP A 27 -22.36 -19.86 -6.29
C ASP A 27 -23.55 -20.75 -5.84
N LEU A 28 -23.40 -22.06 -6.01
CA LEU A 28 -24.23 -23.04 -5.30
C LEU A 28 -24.06 -22.85 -3.78
N LYS A 29 -25.16 -22.87 -3.04
CA LYS A 29 -25.12 -22.85 -1.56
C LYS A 29 -24.54 -24.18 -1.05
N LYS A 30 -23.48 -24.10 -0.24
CA LYS A 30 -22.73 -25.24 0.30
C LYS A 30 -22.63 -25.16 1.82
N GLU A 31 -22.75 -26.29 2.49
CA GLU A 31 -22.85 -26.38 3.97
C GLU A 31 -21.52 -26.12 4.68
N ILE A 32 -21.59 -25.52 5.87
CA ILE A 32 -20.46 -25.43 6.81
C ILE A 32 -20.27 -26.79 7.49
N ASN A 33 -19.02 -27.24 7.64
CA ASN A 33 -18.64 -28.21 8.67
C ASN A 33 -17.63 -27.55 9.60
N GLU A 34 -17.97 -27.39 10.89
CA GLU A 34 -17.17 -26.58 11.81
C GLU A 34 -15.83 -27.22 12.17
N ARG A 35 -15.65 -28.53 11.92
CA ARG A 35 -14.34 -29.19 12.02
C ARG A 35 -13.30 -28.63 11.06
N LEU A 36 -13.73 -28.02 9.96
CA LEU A 36 -12.86 -27.38 8.96
C LEU A 36 -12.30 -26.03 9.44
N LEU A 37 -12.86 -25.45 10.50
CA LEU A 37 -12.44 -24.17 11.04
C LEU A 37 -11.16 -24.33 11.86
N THR A 38 -10.24 -23.38 11.74
CA THR A 38 -9.11 -23.18 12.66
C THR A 38 -9.57 -22.71 14.03
N ALA A 39 -8.74 -22.83 15.06
CA ALA A 39 -9.05 -22.29 16.38
C ALA A 39 -9.38 -20.77 16.33
N ARG A 40 -8.66 -20.01 15.50
CA ARG A 40 -8.94 -18.58 15.30
C ARG A 40 -10.30 -18.36 14.63
N GLN A 41 -10.64 -19.09 13.58
CA GLN A 41 -11.95 -18.98 12.96
C GLN A 41 -13.06 -19.36 13.95
N ARG A 42 -12.85 -20.42 14.74
CA ARG A 42 -13.79 -20.81 15.80
C ARG A 42 -13.96 -19.67 16.79
N ALA A 43 -12.87 -19.01 17.20
CA ALA A 43 -12.95 -17.86 18.10
C ALA A 43 -13.73 -16.69 17.48
N LEU A 44 -13.44 -16.34 16.23
CA LEU A 44 -14.17 -15.28 15.51
C LEU A 44 -15.66 -15.58 15.37
N LEU A 45 -16.01 -16.80 14.96
CA LEU A 45 -17.40 -17.20 14.79
C LEU A 45 -18.13 -17.32 16.13
N GLN A 46 -17.46 -17.81 17.18
CA GLN A 46 -18.02 -17.83 18.52
C GLN A 46 -18.24 -16.40 19.07
N LYS A 47 -17.39 -15.44 18.69
CA LYS A 47 -17.62 -14.00 18.95
C LYS A 47 -18.75 -13.42 18.10
N ALA A 48 -18.87 -13.82 16.83
CA ALA A 48 -20.01 -13.43 15.98
C ALA A 48 -21.35 -13.98 16.51
N ARG A 49 -21.31 -15.12 17.20
CA ARG A 49 -22.40 -15.75 17.96
C ARG A 49 -22.65 -15.13 19.34
N SER A 50 -22.04 -13.98 19.67
CA SER A 50 -22.29 -13.21 20.91
C SER A 50 -22.28 -11.69 20.66
N PRO D 1 -33.62 28.27 -6.10
CA PRO D 1 -32.52 27.75 -5.27
C PRO D 1 -31.29 27.27 -6.05
N GLY D 2 -30.30 26.70 -5.35
CA GLY D 2 -29.15 26.01 -5.93
C GLY D 2 -27.91 26.87 -6.17
N THR D 3 -28.02 28.20 -6.09
CA THR D 3 -26.88 29.11 -6.32
C THR D 3 -25.96 29.24 -5.10
N VAL D 4 -26.52 29.41 -3.91
CA VAL D 4 -25.71 29.66 -2.70
C VAL D 4 -24.87 28.45 -2.30
N ALA D 5 -25.26 27.23 -2.68
CA ALA D 5 -24.43 26.05 -2.48
C ALA D 5 -23.07 26.20 -3.19
N LEU D 6 -23.06 26.67 -4.43
CA LEU D 6 -21.80 26.89 -5.14
C LEU D 6 -20.98 28.00 -4.47
N ARG D 7 -21.64 29.03 -3.93
CA ARG D 7 -20.96 30.06 -3.15
C ARG D 7 -20.36 29.51 -1.84
N GLU D 8 -21.04 28.61 -1.14
CA GLU D 8 -20.41 27.91 -0.01
C GLU D 8 -19.18 27.13 -0.46
N ILE D 9 -19.25 26.40 -1.57
CA ILE D 9 -18.09 25.63 -2.04
C ILE D 9 -16.90 26.56 -2.27
N ARG D 10 -17.09 27.66 -3.02
CA ARG D 10 -16.03 28.64 -3.25
C ARG D 10 -15.45 29.12 -1.93
N ARG D 11 -16.30 29.45 -0.95
CA ARG D 11 -15.83 29.94 0.36
C ARG D 11 -15.03 28.89 1.09
N TYR D 12 -15.56 27.69 1.28
CA TYR D 12 -14.88 26.65 2.06
C TYR D 12 -13.68 26.03 1.35
N GLN D 13 -13.53 26.21 0.03
CA GLN D 13 -12.28 25.88 -0.64
C GLN D 13 -11.24 27.00 -0.54
N LYS D 14 -11.65 28.27 -0.49
CA LYS D 14 -10.70 29.38 -0.31
C LYS D 14 -10.07 29.39 1.08
N SER D 15 -10.85 29.16 2.13
CA SER D 15 -10.35 29.14 3.51
C SER D 15 -9.83 27.76 3.93
N THR D 16 -8.94 27.70 4.92
CA THR D 16 -8.18 26.48 5.27
C THR D 16 -8.35 26.03 6.72
N GLU D 17 -9.32 26.58 7.43
CA GLU D 17 -9.58 26.29 8.84
C GLU D 17 -10.15 24.88 9.07
N LEU D 18 -10.17 24.46 10.34
CA LEU D 18 -10.88 23.26 10.78
C LEU D 18 -12.39 23.46 10.65
N LEU D 19 -13.07 22.49 10.04
CA LEU D 19 -14.50 22.50 9.81
C LEU D 19 -15.29 21.80 10.92
N ILE D 20 -14.67 20.86 11.63
CA ILE D 20 -15.24 20.19 12.81
C ILE D 20 -14.85 20.99 14.07
N ARG D 21 -15.78 21.13 15.01
CA ARG D 21 -15.54 21.83 16.28
C ARG D 21 -14.53 21.07 17.15
N LYS D 22 -13.58 21.79 17.75
CA LYS D 22 -12.47 21.19 18.51
C LYS D 22 -12.98 20.31 19.66
N LEU D 23 -13.87 20.81 20.50
CA LEU D 23 -14.32 20.09 21.70
C LEU D 23 -15.02 18.77 21.36
N PRO D 24 -16.04 18.74 20.49
CA PRO D 24 -16.63 17.49 20.04
C PRO D 24 -15.61 16.52 19.47
N PHE D 25 -14.70 16.98 18.63
CA PHE D 25 -13.70 16.10 18.05
C PHE D 25 -12.73 15.57 19.10
N GLN D 26 -12.27 16.42 20.01
CA GLN D 26 -11.38 16.02 21.09
C GLN D 26 -12.06 14.97 21.98
N ARG D 27 -13.32 15.19 22.36
CA ARG D 27 -14.06 14.18 23.11
C ARG D 27 -14.17 12.89 22.31
N LEU D 28 -14.46 12.96 21.01
CA LEU D 28 -14.56 11.76 20.19
C LEU D 28 -13.26 10.95 20.19
N VAL D 29 -12.12 11.60 19.99
CA VAL D 29 -10.83 10.92 20.02
C VAL D 29 -10.66 10.17 21.34
N ARG D 30 -10.96 10.81 22.48
CA ARG D 30 -10.85 10.14 23.78
C ARG D 30 -11.85 8.99 23.91
N GLU D 31 -13.11 9.23 23.57
CA GLU D 31 -14.17 8.24 23.70
C GLU D 31 -13.96 7.02 22.79
N ILE D 32 -13.20 7.16 21.70
CA ILE D 32 -12.70 6.02 20.94
C ILE D 32 -11.50 5.38 21.65
N ALA D 33 -10.49 6.16 22.02
CA ALA D 33 -9.26 5.59 22.58
C ALA D 33 -9.49 4.81 23.87
N GLN D 34 -10.42 5.27 24.70
CA GLN D 34 -10.71 4.72 26.03
C GLN D 34 -11.38 3.34 26.03
N ASP D 35 -11.27 2.57 24.95
CA ASP D 35 -11.49 1.12 24.98
C ASP D 35 -10.34 0.29 24.36
N PHE D 36 -9.26 0.91 23.86
CA PHE D 36 -7.99 0.20 23.66
C PHE D 36 -7.20 0.11 24.97
N LYS D 37 -7.13 1.21 25.71
CA LYS D 37 -6.69 1.26 27.11
C LYS D 37 -7.42 2.39 27.82
N THR D 38 -7.64 2.30 29.12
CA THR D 38 -8.25 3.41 29.88
C THR D 38 -7.21 4.42 30.32
N ASP D 39 -7.63 5.67 30.52
CA ASP D 39 -6.78 6.76 31.01
C ASP D 39 -5.51 7.03 30.18
N LEU D 40 -5.64 7.09 28.85
CA LEU D 40 -4.64 7.77 28.02
C LEU D 40 -4.66 9.28 28.28
N ARG D 41 -3.49 9.92 28.18
CA ARG D 41 -3.38 11.37 27.99
C ARG D 41 -3.06 11.66 26.54
N PHE D 42 -3.72 12.64 25.95
CA PHE D 42 -3.37 13.09 24.60
C PHE D 42 -2.66 14.43 24.68
N GLN D 43 -1.45 14.50 24.12
CA GLN D 43 -0.75 15.77 23.99
C GLN D 43 -1.60 16.70 23.12
N SER D 44 -1.72 17.97 23.48
CA SER D 44 -2.62 18.90 22.80
C SER D 44 -2.38 18.97 21.28
N SER D 45 -1.13 18.87 20.82
CA SER D 45 -0.79 18.76 19.41
C SER D 45 -1.34 17.51 18.73
N ALA D 46 -1.37 16.37 19.41
CA ALA D 46 -1.74 15.10 18.80
C ALA D 46 -3.20 15.09 18.39
N VAL D 47 -4.07 15.68 19.19
CA VAL D 47 -5.49 15.79 18.83
C VAL D 47 -5.67 16.64 17.57
N MET D 48 -4.91 17.72 17.43
CA MET D 48 -4.88 18.48 16.18
C MET D 48 -4.42 17.60 15.01
N ALA D 49 -3.34 16.84 15.18
CA ALA D 49 -2.85 16.00 14.10
C ALA D 49 -3.88 14.94 13.68
N LEU D 50 -4.59 14.31 14.62
CA LEU D 50 -5.72 13.47 14.26
C LEU D 50 -6.75 14.26 13.48
N GLN D 51 -7.10 15.47 13.90
CA GLN D 51 -8.10 16.24 13.20
C GLN D 51 -7.67 16.61 11.78
N GLU D 52 -6.42 17.02 11.57
CA GLU D 52 -5.90 17.29 10.24
C GLU D 52 -5.99 16.05 9.37
N ALA D 53 -5.65 14.88 9.89
CA ALA D 53 -5.80 13.65 9.13
C ALA D 53 -7.28 13.35 8.84
N CYS D 54 -8.17 13.55 9.81
CA CYS D 54 -9.58 13.26 9.64
C CYS D 54 -10.24 14.17 8.62
N GLU D 55 -10.11 15.48 8.76
CA GLU D 55 -10.74 16.39 7.82
C GLU D 55 -10.16 16.18 6.42
N ALA D 56 -8.86 15.99 6.29
CA ALA D 56 -8.28 15.68 4.99
C ALA D 56 -8.76 14.33 4.45
N TYR D 57 -8.96 13.32 5.28
CA TYR D 57 -9.52 12.06 4.83
C TYR D 57 -10.97 12.22 4.37
N LEU D 58 -11.80 12.91 5.14
CA LEU D 58 -13.19 13.12 4.78
C LEU D 58 -13.28 13.94 3.49
N VAL D 59 -12.55 15.03 3.36
CA VAL D 59 -12.56 15.82 2.13
C VAL D 59 -12.11 14.97 0.95
N GLY D 60 -11.01 14.23 1.12
CA GLY D 60 -10.53 13.31 0.11
C GLY D 60 -11.51 12.19 -0.21
N LEU D 61 -12.47 11.88 0.66
CA LEU D 61 -13.53 10.93 0.38
C LEU D 61 -14.69 11.61 -0.35
N PHE D 62 -15.15 12.76 0.13
CA PHE D 62 -16.22 13.48 -0.55
C PHE D 62 -15.85 13.84 -1.97
N GLU D 63 -14.59 14.20 -2.23
CA GLU D 63 -14.03 14.34 -3.57
C GLU D 63 -14.38 13.14 -4.47
N ASP D 64 -13.97 11.94 -4.11
CA ASP D 64 -14.28 10.76 -4.93
C ASP D 64 -15.75 10.36 -4.88
N THR D 65 -16.45 10.71 -3.80
CA THR D 65 -17.90 10.52 -3.74
C THR D 65 -18.56 11.38 -4.81
N ASN D 66 -18.11 12.61 -5.02
CA ASN D 66 -18.64 13.51 -6.02
C ASN D 66 -18.49 12.90 -7.41
N LEU D 67 -17.30 12.36 -7.70
CA LEU D 67 -17.04 11.68 -8.95
C LEU D 67 -17.97 10.47 -9.13
N CYS D 68 -18.23 9.70 -8.07
CA CYS D 68 -19.21 8.62 -8.16
C CYS D 68 -20.62 9.13 -8.49
N ALA D 69 -21.07 10.19 -7.83
CA ALA D 69 -22.41 10.71 -8.09
C ALA D 69 -22.54 11.20 -9.53
N ILE D 70 -21.60 12.03 -9.99
CA ILE D 70 -21.64 12.58 -11.34
C ILE D 70 -21.51 11.48 -12.38
N HIS D 71 -20.76 10.41 -12.11
CA HIS D 71 -20.75 9.26 -12.99
C HIS D 71 -22.12 8.60 -13.09
N ALA D 72 -22.85 8.51 -11.99
CA ALA D 72 -24.24 8.06 -11.99
C ALA D 72 -25.25 9.14 -12.44
N LYS D 73 -24.80 10.21 -13.11
CA LYS D 73 -25.57 11.30 -13.72
C LYS D 73 -26.36 12.22 -12.77
N ARG D 74 -26.76 11.77 -11.58
CA ARG D 74 -27.31 12.62 -10.53
C ARG D 74 -26.24 13.56 -9.97
N VAL D 75 -26.63 14.57 -9.20
CA VAL D 75 -25.70 15.55 -8.59
C VAL D 75 -25.63 15.38 -7.08
N THR D 76 -26.68 14.84 -6.46
CA THR D 76 -26.77 14.63 -5.02
C THR D 76 -25.99 13.39 -4.60
N ILE D 77 -25.08 13.47 -3.64
CA ILE D 77 -24.40 12.27 -3.13
C ILE D 77 -25.30 11.46 -2.21
N MET D 78 -25.06 10.16 -2.16
CA MET D 78 -25.85 9.19 -1.41
C MET D 78 -24.96 8.12 -0.76
N PRO D 79 -25.40 7.44 0.29
CA PRO D 79 -24.66 6.34 0.90
C PRO D 79 -24.13 5.32 -0.10
N LYS D 80 -24.91 5.06 -1.15
CA LYS D 80 -24.54 4.28 -2.32
C LYS D 80 -23.18 4.69 -2.89
N ASP D 81 -22.92 5.99 -3.02
CA ASP D 81 -21.64 6.53 -3.48
C ASP D 81 -20.51 6.29 -2.50
N ILE D 82 -20.70 6.60 -1.21
CA ILE D 82 -19.63 6.44 -0.22
C ILE D 82 -19.23 4.97 -0.11
N GLN D 83 -20.22 4.07 -0.13
CA GLN D 83 -19.96 2.64 -0.22
C GLN D 83 -19.12 2.31 -1.44
N LEU D 84 -19.45 2.83 -2.63
CA LEU D 84 -18.63 2.61 -3.81
C LEU D 84 -17.22 3.17 -3.65
N ALA D 85 -17.07 4.45 -3.31
CA ALA D 85 -15.77 5.09 -3.24
C ALA D 85 -14.85 4.39 -2.24
N ARG D 86 -15.37 3.86 -1.14
CA ARG D 86 -14.58 3.00 -0.24
C ARG D 86 -14.32 1.63 -0.85
N ARG D 87 -15.35 0.96 -1.35
CA ARG D 87 -15.27 -0.40 -1.93
C ARG D 87 -14.29 -0.49 -3.09
N ILE D 88 -14.15 0.59 -3.86
CA ILE D 88 -13.26 0.64 -5.01
C ILE D 88 -11.86 1.12 -4.65
N ARG D 89 -11.72 1.96 -3.61
CA ARG D 89 -10.42 2.44 -3.15
C ARG D 89 -9.67 1.39 -2.33
N GLY D 90 -10.38 0.61 -1.52
CA GLY D 90 -9.84 -0.57 -0.84
C GLY D 90 -10.07 -0.66 0.67
N GLU D 91 -10.61 0.37 1.32
CA GLU D 91 -10.84 0.34 2.78
C GLU D 91 -11.79 -0.77 3.25
N ARG D 92 -12.65 -1.29 2.38
CA ARG D 92 -13.53 -2.43 2.65
C ARG D 92 -13.63 -3.36 1.44
N ALA D 93 -13.59 -4.67 1.67
CA ALA D 93 -13.82 -5.74 0.69
C ALA D 93 -13.01 -5.59 -0.62
N VAL E 1 -15.30 9.56 32.81
CA VAL E 1 -16.61 9.02 32.34
C VAL E 1 -16.62 8.89 30.81
N LEU E 2 -17.56 8.10 30.26
CA LEU E 2 -17.68 7.82 28.82
C LEU E 2 -19.14 7.89 28.32
N ARG E 3 -19.34 8.12 27.03
CA ARG E 3 -20.62 7.97 26.29
C ARG E 3 -20.40 7.77 24.79
N ASP E 4 -21.48 7.50 24.05
CA ASP E 4 -21.54 7.54 22.59
C ASP E 4 -21.39 8.96 21.99
N ASN E 5 -20.26 9.63 22.24
CA ASN E 5 -20.02 11.02 21.86
C ASN E 5 -20.01 11.28 20.34
N ILE E 6 -20.04 10.25 19.49
CA ILE E 6 -19.96 10.37 18.02
C ILE E 6 -20.96 11.35 17.41
N GLN E 7 -22.15 11.51 17.99
CA GLN E 7 -23.13 12.48 17.52
C GLN E 7 -22.67 13.94 17.68
N GLY E 8 -21.56 14.19 18.36
CA GLY E 8 -20.88 15.49 18.38
C GLY E 8 -20.27 15.88 17.03
N ILE E 9 -20.03 14.93 16.12
CA ILE E 9 -19.73 15.25 14.72
C ILE E 9 -21.02 15.70 14.05
N THR E 10 -21.32 16.97 14.24
CA THR E 10 -22.64 17.55 13.99
C THR E 10 -22.91 17.76 12.49
N LYS E 11 -24.18 17.66 12.09
CA LYS E 11 -24.62 17.68 10.70
C LYS E 11 -24.07 18.87 9.90
N PRO E 12 -24.11 20.14 10.36
CA PRO E 12 -23.49 21.24 9.65
C PRO E 12 -22.00 21.05 9.39
N ALA E 13 -21.25 20.44 10.31
CA ALA E 13 -19.83 20.22 10.09
C ALA E 13 -19.59 19.23 8.96
N ILE E 14 -20.37 18.16 8.89
CA ILE E 14 -20.29 17.24 7.75
C ILE E 14 -20.65 17.97 6.46
N ARG E 15 -21.68 18.81 6.46
CA ARG E 15 -22.01 19.64 5.29
C ARG E 15 -20.85 20.55 4.94
N ARG E 16 -20.16 21.17 5.89
CA ARG E 16 -18.96 21.95 5.59
C ARG E 16 -17.91 21.08 4.92
N LEU E 17 -17.55 19.92 5.48
CA LEU E 17 -16.53 19.05 4.88
C LEU E 17 -16.89 18.66 3.45
N ALA E 18 -18.14 18.26 3.26
CA ALA E 18 -18.67 17.93 1.96
C ALA E 18 -18.62 19.14 1.01
N ARG E 19 -18.92 20.33 1.50
CA ARG E 19 -18.85 21.55 0.71
C ARG E 19 -17.41 21.89 0.37
N ARG E 20 -16.43 21.69 1.24
CA ARG E 20 -15.01 21.81 0.86
C ARG E 20 -14.65 20.80 -0.23
N GLY E 21 -15.21 19.59 -0.16
CA GLY E 21 -15.11 18.58 -1.22
C GLY E 21 -15.92 18.90 -2.50
N GLY E 22 -16.75 19.93 -2.48
CA GLY E 22 -17.46 20.43 -3.66
C GLY E 22 -18.71 19.66 -4.08
N VAL E 23 -19.28 18.80 -3.24
CA VAL E 23 -20.55 18.13 -3.58
C VAL E 23 -21.72 19.10 -3.40
N LYS E 24 -22.58 19.25 -4.42
CA LYS E 24 -23.57 20.34 -4.40
C LYS E 24 -24.75 20.08 -3.48
N ARG E 25 -25.29 18.86 -3.43
CA ARG E 25 -26.44 18.50 -2.57
C ARG E 25 -26.16 17.22 -1.78
N ILE E 26 -26.55 17.17 -0.52
CA ILE E 26 -26.27 16.02 0.36
C ILE E 26 -27.57 15.31 0.73
N SER E 27 -27.78 14.05 0.35
CA SER E 27 -28.97 13.34 0.81
C SER E 27 -28.88 13.02 2.31
N GLY E 28 -29.98 13.10 3.04
CA GLY E 28 -30.00 13.07 4.50
C GLY E 28 -29.54 11.76 5.12
N LEU E 29 -29.51 10.67 4.36
CA LEU E 29 -28.93 9.41 4.80
C LEU E 29 -27.41 9.49 4.99
N ILE E 30 -26.73 10.44 4.33
CA ILE E 30 -25.26 10.55 4.35
C ILE E 30 -24.72 10.74 5.75
N TYR E 31 -25.36 11.54 6.58
CA TYR E 31 -24.78 11.96 7.85
C TYR E 31 -24.48 10.76 8.77
N GLU E 32 -25.45 9.87 8.97
CA GLU E 32 -25.25 8.76 9.90
C GLU E 32 -24.31 7.67 9.35
N GLU E 33 -24.15 7.55 8.04
CA GLU E 33 -23.07 6.72 7.50
C GLU E 33 -21.71 7.41 7.60
N THR E 34 -21.66 8.72 7.38
CA THR E 34 -20.42 9.49 7.47
C THR E 34 -19.79 9.36 8.85
N ARG E 35 -20.58 9.48 9.91
CA ARG E 35 -20.11 9.24 11.27
C ARG E 35 -19.51 7.85 11.43
N GLY E 36 -20.13 6.84 10.84
CA GLY E 36 -19.58 5.48 10.79
C GLY E 36 -18.21 5.45 10.12
N VAL E 37 -18.08 6.02 8.93
CA VAL E 37 -16.82 6.03 8.20
C VAL E 37 -15.72 6.77 8.96
N LEU E 38 -16.04 7.92 9.52
CA LEU E 38 -15.08 8.67 10.33
C LEU E 38 -14.69 7.88 11.57
N LYS E 39 -15.64 7.29 12.30
CA LYS E 39 -15.33 6.50 13.48
C LYS E 39 -14.42 5.33 13.13
N VAL E 40 -14.69 4.63 12.04
CA VAL E 40 -13.83 3.54 11.57
C VAL E 40 -12.43 4.04 11.26
N PHE E 41 -12.30 5.22 10.62
CA PHE E 41 -10.99 5.80 10.40
C PHE E 41 -10.26 6.11 11.71
N LEU E 42 -10.89 6.81 12.65
CA LEU E 42 -10.26 7.10 13.93
C LEU E 42 -9.92 5.82 14.68
N GLU E 43 -10.79 4.81 14.68
CA GLU E 43 -10.45 3.54 15.31
C GLU E 43 -9.18 2.97 14.71
N ASN E 44 -9.09 2.89 13.38
CA ASN E 44 -7.91 2.30 12.77
C ASN E 44 -6.65 3.12 13.03
N VAL E 45 -6.70 4.45 13.03
CA VAL E 45 -5.50 5.25 13.34
C VAL E 45 -5.13 5.12 14.82
N ILE E 46 -6.12 5.28 15.70
CA ILE E 46 -5.86 5.32 17.14
C ILE E 46 -5.45 3.95 17.66
N ARG E 47 -5.95 2.84 17.09
CA ARG E 47 -5.49 1.48 17.43
C ARG E 47 -3.98 1.37 17.31
N ASP E 48 -3.44 1.78 16.16
CA ASP E 48 -1.99 1.78 15.97
C ASP E 48 -1.33 2.81 16.90
N ALA E 49 -1.84 4.04 16.94
CA ALA E 49 -1.21 5.09 17.74
C ALA E 49 -1.07 4.70 19.21
N VAL E 50 -2.13 4.15 19.81
CA VAL E 50 -2.07 3.66 21.17
C VAL E 50 -1.04 2.57 21.31
N THR E 51 -0.93 1.62 20.39
CA THR E 51 0.12 0.60 20.51
C THR E 51 1.53 1.15 20.39
N TYR E 52 1.79 2.22 19.64
CA TYR E 52 3.09 2.88 19.74
C TYR E 52 3.31 3.45 21.14
N THR E 53 2.29 4.08 21.73
CA THR E 53 2.40 4.59 23.10
C THR E 53 2.58 3.47 24.13
N GLU E 54 1.87 2.36 23.99
CA GLU E 54 2.07 1.17 24.82
C GLU E 54 3.52 0.69 24.74
N HIS E 55 4.05 0.61 23.53
CA HIS E 55 5.39 0.09 23.32
C HIS E 55 6.45 0.98 23.95
N ALA E 56 6.29 2.30 23.84
CA ALA E 56 7.17 3.27 24.49
C ALA E 56 7.04 3.28 26.03
N LYS E 57 6.14 2.48 26.60
CA LYS E 57 5.79 2.44 28.03
C LYS E 57 5.29 3.77 28.56
N ARG E 58 4.83 4.66 27.69
CA ARG E 58 4.17 5.91 28.02
C ARG E 58 2.68 5.70 28.33
N LYS E 59 2.06 6.71 28.92
CA LYS E 59 0.61 6.90 29.01
C LYS E 59 0.14 8.09 28.19
N THR E 60 1.06 8.92 27.72
CA THR E 60 0.79 10.10 26.92
C THR E 60 1.05 9.86 25.44
N VAL E 61 0.04 10.03 24.60
CA VAL E 61 0.16 9.99 23.14
C VAL E 61 0.69 11.32 22.64
N THR E 62 1.92 11.36 22.12
CA THR E 62 2.46 12.58 21.49
C THR E 62 1.99 12.68 20.04
N ALA E 63 2.25 13.81 19.39
CA ALA E 63 1.98 13.93 17.96
C ALA E 63 2.76 12.89 17.13
N MET E 64 3.96 12.50 17.54
CA MET E 64 4.69 11.46 16.82
C MET E 64 3.96 10.11 16.84
N ASP E 65 3.35 9.74 17.96
CA ASP E 65 2.63 8.47 18.05
C ASP E 65 1.47 8.39 17.07
N VAL E 66 0.86 9.53 16.71
CA VAL E 66 -0.16 9.56 15.64
C VAL E 66 0.49 9.66 14.26
N VAL E 67 1.49 10.51 14.06
CA VAL E 67 2.14 10.63 12.74
C VAL E 67 2.69 9.29 12.27
N TYR E 68 3.30 8.50 13.14
CA TYR E 68 3.80 7.17 12.77
C TYR E 68 2.67 6.20 12.40
N ALA E 69 1.55 6.20 13.11
CA ALA E 69 0.40 5.42 12.70
C ALA E 69 -0.08 5.82 11.30
N LEU E 70 -0.18 7.13 11.05
CA LEU E 70 -0.59 7.64 9.75
C LEU E 70 0.39 7.30 8.63
N LYS E 71 1.72 7.33 8.88
CA LYS E 71 2.73 6.89 7.90
C LYS E 71 2.47 5.46 7.47
N ARG E 72 2.35 4.54 8.42
CA ARG E 72 2.19 3.12 8.08
C ARG E 72 0.84 2.79 7.46
N GLN E 73 -0.19 3.60 7.70
CA GLN E 73 -1.47 3.49 7.00
C GLN E 73 -1.50 4.20 5.64
N GLY E 74 -0.35 4.64 5.13
CA GLY E 74 -0.24 5.20 3.78
C GLY E 74 -0.91 6.57 3.63
N ARG E 75 -1.11 7.29 4.74
CA ARG E 75 -1.71 8.63 4.79
C ARG E 75 -0.78 9.57 5.53
N THR E 76 0.44 9.71 5.03
CA THR E 76 1.49 10.52 5.68
C THR E 76 1.01 11.95 5.93
N LEU E 77 1.50 12.59 6.99
CA LEU E 77 0.99 13.89 7.42
C LEU E 77 2.14 14.82 7.73
N TYR E 78 2.46 15.75 6.84
CA TYR E 78 3.47 16.77 7.12
C TYR E 78 2.89 17.83 8.05
N GLY E 79 3.72 18.38 8.94
CA GLY E 79 3.33 19.52 9.78
C GLY E 79 3.20 19.26 11.26
N PHE E 80 3.61 18.09 11.73
CA PHE E 80 3.73 17.80 13.16
C PHE E 80 5.10 17.26 13.56
N GLY E 81 6.09 17.35 12.66
CA GLY E 81 7.45 16.86 12.86
C GLY E 81 7.63 15.39 12.46
N GLY E 82 8.88 14.99 12.24
CA GLY E 82 9.31 13.65 11.78
C GLY E 82 8.72 13.20 10.44
N LYS F 1 27.26 -32.08 22.92
CA LYS F 1 26.14 -32.37 21.99
C LYS F 1 25.30 -31.11 21.79
N ALA F 2 25.01 -30.71 20.56
CA ALA F 2 24.13 -29.57 20.30
C ALA F 2 22.63 -29.93 20.41
N LYS F 3 21.77 -28.92 20.60
CA LYS F 3 20.31 -29.02 20.38
C LYS F 3 19.77 -27.71 19.77
N THR F 4 18.93 -27.80 18.75
CA THR F 4 18.51 -26.60 17.98
C THR F 4 17.67 -25.65 18.82
N ARG F 5 17.81 -24.33 18.64
CA ARG F 5 16.92 -23.38 19.33
C ARG F 5 15.47 -23.58 18.91
N SER F 6 15.24 -24.02 17.67
CA SER F 6 13.91 -24.38 17.16
C SER F 6 13.21 -25.40 18.07
N SER F 7 13.78 -26.60 18.18
CA SER F 7 13.18 -27.67 18.99
C SER F 7 13.13 -27.31 20.47
N ARG F 8 14.13 -26.56 20.97
CA ARG F 8 14.16 -26.03 22.34
C ARG F 8 12.99 -25.09 22.63
N ALA F 9 12.65 -24.23 21.68
CA ALA F 9 11.49 -23.34 21.75
C ALA F 9 10.16 -24.04 21.43
N GLY F 10 10.20 -25.29 20.94
CA GLY F 10 9.00 -26.02 20.52
C GLY F 10 8.50 -25.62 19.12
N LEU F 11 9.41 -25.19 18.24
CA LEU F 11 9.13 -24.72 16.89
C LEU F 11 9.75 -25.66 15.85
N GLN F 12 9.11 -25.74 14.68
CA GLN F 12 9.70 -26.28 13.46
C GLN F 12 10.50 -25.23 12.69
N PHE F 13 10.13 -23.95 12.75
CA PHE F 13 10.82 -22.89 12.01
C PHE F 13 12.26 -22.65 12.47
N PRO F 14 13.17 -22.25 11.57
CA PRO F 14 14.61 -22.22 11.83
C PRO F 14 15.04 -20.97 12.60
N VAL F 15 15.02 -21.03 13.93
CA VAL F 15 15.33 -19.88 14.79
C VAL F 15 16.73 -19.32 14.51
N GLY F 16 17.71 -20.19 14.26
CA GLY F 16 19.06 -19.74 13.90
C GLY F 16 19.08 -18.93 12.62
N ARG F 17 18.37 -19.39 11.58
CA ARG F 17 18.25 -18.65 10.32
C ARG F 17 17.60 -17.30 10.55
N VAL F 18 16.53 -17.27 11.34
CA VAL F 18 15.87 -16.01 11.68
C VAL F 18 16.83 -15.08 12.41
N HIS F 19 17.59 -15.58 13.39
CA HIS F 19 18.59 -14.77 14.09
C HIS F 19 19.66 -14.24 13.15
N ARG F 20 20.12 -15.05 12.20
CA ARG F 20 21.10 -14.64 11.20
C ARG F 20 20.55 -13.51 10.35
N LEU F 21 19.37 -13.70 9.77
CA LEU F 21 18.77 -12.68 8.91
C LEU F 21 18.47 -11.39 9.67
N LEU F 22 18.02 -11.44 10.93
CA LEU F 22 17.76 -10.22 11.68
C LEU F 22 19.02 -9.37 11.87
N ARG F 23 20.22 -9.97 11.97
CA ARG F 23 21.46 -9.19 11.91
C ARG F 23 21.76 -8.77 10.48
N LYS F 24 21.81 -9.73 9.56
CA LYS F 24 22.32 -9.52 8.20
C LYS F 24 21.48 -8.56 7.35
N GLY F 25 20.22 -8.34 7.70
CA GLY F 25 19.32 -7.39 7.04
C GLY F 25 19.40 -5.94 7.53
N ASN F 26 20.35 -5.60 8.41
CA ASN F 26 20.54 -4.26 8.97
C ASN F 26 19.38 -3.70 9.82
N TYR F 27 18.42 -4.51 10.26
CA TYR F 27 17.23 -4.00 10.96
C TYR F 27 17.53 -3.26 12.27
N SER F 28 18.63 -3.57 12.95
CA SER F 28 19.30 -2.66 13.90
C SER F 28 20.70 -3.17 14.23
N GLU F 29 21.56 -2.37 14.87
CA GLU F 29 22.93 -2.79 15.19
C GLU F 29 23.02 -3.93 16.21
N ARG F 30 21.97 -4.22 16.98
CA ARG F 30 21.96 -5.30 17.98
C ARG F 30 20.63 -6.07 17.94
N VAL F 31 20.65 -7.39 18.10
CA VAL F 31 19.45 -8.24 18.11
C VAL F 31 19.34 -9.05 19.39
N GLY F 32 18.29 -8.85 20.16
CA GLY F 32 18.07 -9.54 21.43
C GLY F 32 17.76 -11.01 21.26
N ALA F 33 18.19 -11.86 22.20
CA ALA F 33 18.14 -13.30 22.05
C ALA F 33 16.70 -13.84 21.92
N GLY F 34 15.72 -13.16 22.50
CA GLY F 34 14.32 -13.54 22.39
C GLY F 34 13.67 -13.15 21.05
N ALA F 35 14.18 -12.12 20.37
CA ALA F 35 13.54 -11.60 19.16
C ALA F 35 13.39 -12.62 18.03
N PRO F 36 14.42 -13.41 17.66
CA PRO F 36 14.24 -14.38 16.60
C PRO F 36 13.30 -15.49 17.02
N VAL F 37 13.29 -15.90 18.28
CA VAL F 37 12.34 -16.92 18.76
C VAL F 37 10.92 -16.43 18.58
N TYR F 38 10.62 -15.24 19.05
CA TYR F 38 9.27 -14.70 18.96
C TYR F 38 8.85 -14.52 17.51
N LEU F 39 9.74 -14.02 16.64
CA LEU F 39 9.42 -13.81 15.24
C LEU F 39 9.22 -15.14 14.52
N ALA F 40 10.09 -16.11 14.76
CA ALA F 40 9.95 -17.43 14.18
C ALA F 40 8.61 -18.06 14.57
N ALA F 41 8.16 -17.86 15.80
CA ALA F 41 6.84 -18.37 16.19
C ALA F 41 5.73 -17.74 15.37
N VAL F 42 5.80 -16.44 15.09
CA VAL F 42 4.75 -15.78 14.31
C VAL F 42 4.77 -16.23 12.86
N LEU F 43 5.95 -16.34 12.25
CA LEU F 43 6.06 -16.93 10.92
C LEU F 43 5.48 -18.35 10.91
N GLU F 44 5.83 -19.16 11.89
CA GLU F 44 5.35 -20.53 12.00
C GLU F 44 3.83 -20.56 12.14
N TYR F 45 3.27 -19.71 12.99
CA TYR F 45 1.84 -19.64 13.19
C TYR F 45 1.12 -19.25 11.90
N LEU F 46 1.55 -18.19 11.23
CA LEU F 46 0.93 -17.78 9.98
C LEU F 46 1.09 -18.84 8.89
N THR F 47 2.24 -19.50 8.81
CA THR F 47 2.46 -20.55 7.81
C THR F 47 1.60 -21.77 8.07
N ALA F 48 1.47 -22.19 9.33
CA ALA F 48 0.55 -23.26 9.67
C ALA F 48 -0.90 -22.85 9.36
N GLU F 49 -1.28 -21.63 9.72
CA GLU F 49 -2.63 -21.13 9.52
C GLU F 49 -3.01 -21.07 8.05
N ILE F 50 -2.20 -20.45 7.20
CA ILE F 50 -2.50 -20.32 5.79
C ILE F 50 -2.54 -21.68 5.11
N LEU F 51 -1.66 -22.60 5.50
CA LEU F 51 -1.73 -23.96 5.00
C LEU F 51 -2.95 -24.70 5.51
N GLU F 52 -3.40 -24.52 6.75
CA GLU F 52 -4.56 -25.25 7.25
C GLU F 52 -5.81 -24.90 6.45
N LEU F 53 -6.00 -23.62 6.14
CA LEU F 53 -7.07 -23.19 5.24
C LEU F 53 -6.86 -23.81 3.85
N ALA F 54 -5.65 -23.71 3.28
CA ALA F 54 -5.41 -24.20 1.94
C ALA F 54 -5.60 -25.71 1.83
N GLY F 55 -5.18 -26.48 2.82
CA GLY F 55 -5.37 -27.91 2.87
C GLY F 55 -6.84 -28.26 2.86
N ASN F 56 -7.64 -27.61 3.71
CA ASN F 56 -9.08 -27.83 3.70
C ASN F 56 -9.69 -27.43 2.36
N ALA F 57 -9.28 -26.32 1.76
CA ALA F 57 -9.74 -25.93 0.43
C ALA F 57 -9.38 -26.98 -0.64
N ALA F 58 -8.16 -27.53 -0.61
CA ALA F 58 -7.73 -28.55 -1.53
C ALA F 58 -8.52 -29.86 -1.35
N ARG F 59 -8.74 -30.26 -0.10
CA ARG F 59 -9.48 -31.47 0.25
C ARG F 59 -10.94 -31.37 -0.13
N ASP F 60 -11.56 -30.22 0.07
CA ASP F 60 -12.93 -29.94 -0.41
C ASP F 60 -13.03 -29.94 -1.94
N ASN F 61 -11.99 -29.46 -2.63
CA ASN F 61 -11.86 -29.57 -4.08
C ASN F 61 -11.27 -30.93 -4.53
N LYS F 62 -11.36 -31.96 -3.69
CA LYS F 62 -11.06 -33.37 -3.99
C LYS F 62 -9.61 -33.66 -4.43
N LYS F 63 -8.65 -32.78 -4.16
CA LYS F 63 -7.25 -32.94 -4.60
C LYS F 63 -6.29 -33.28 -3.46
N THR F 64 -5.41 -34.23 -3.69
CA THR F 64 -4.41 -34.72 -2.72
C THR F 64 -3.20 -33.80 -2.53
N ARG F 65 -3.09 -32.74 -3.34
CA ARG F 65 -1.95 -31.82 -3.35
C ARG F 65 -2.43 -30.37 -3.40
N ILE F 66 -1.87 -29.50 -2.56
CA ILE F 66 -2.11 -28.06 -2.60
C ILE F 66 -1.42 -27.45 -3.82
N ILE F 67 -2.15 -26.65 -4.59
CA ILE F 67 -1.64 -25.87 -5.74
C ILE F 67 -2.17 -24.44 -5.61
N PRO F 68 -1.61 -23.45 -6.31
CA PRO F 68 -1.86 -22.04 -6.04
C PRO F 68 -3.32 -21.62 -5.88
N ARG F 69 -4.26 -22.25 -6.59
CA ARG F 69 -5.70 -22.00 -6.36
C ARG F 69 -6.10 -22.16 -4.91
N HIS F 70 -5.67 -23.23 -4.27
CA HIS F 70 -6.03 -23.50 -2.89
C HIS F 70 -5.44 -22.46 -1.94
N LEU F 71 -4.27 -21.90 -2.28
CA LEU F 71 -3.72 -20.76 -1.56
C LEU F 71 -4.54 -19.48 -1.80
N GLN F 72 -4.87 -19.13 -3.05
CA GLN F 72 -5.69 -17.95 -3.32
C GLN F 72 -7.07 -18.06 -2.67
N LEU F 73 -7.72 -19.22 -2.76
CA LEU F 73 -8.96 -19.48 -2.05
C LEU F 73 -8.78 -19.24 -0.54
N ALA F 74 -7.75 -19.82 0.07
CA ALA F 74 -7.48 -19.64 1.49
C ALA F 74 -7.30 -18.16 1.83
N ILE F 75 -6.41 -17.46 1.13
CA ILE F 75 -6.08 -16.06 1.42
C ILE F 75 -7.30 -15.15 1.27
N ARG F 76 -8.14 -15.36 0.26
CA ARG F 76 -9.27 -14.47 -0.02
C ARG F 76 -10.55 -14.81 0.73
N ASN F 77 -10.71 -16.02 1.27
CA ASN F 77 -11.91 -16.34 2.06
C ASN F 77 -11.87 -15.71 3.45
N ASP F 78 -10.83 -15.95 4.24
CA ASP F 78 -10.76 -15.39 5.59
C ASP F 78 -10.38 -13.91 5.58
N GLU F 79 -11.28 -13.04 6.03
CA GLU F 79 -11.10 -11.60 5.87
C GLU F 79 -9.89 -11.04 6.64
N GLU F 80 -9.38 -11.72 7.66
CA GLU F 80 -8.16 -11.26 8.33
C GLU F 80 -6.94 -11.52 7.45
N LEU F 81 -6.87 -12.67 6.78
CA LEU F 81 -5.82 -12.94 5.81
C LEU F 81 -5.98 -12.00 4.61
N ASN F 82 -7.19 -11.80 4.11
CA ASN F 82 -7.38 -10.90 2.98
C ASN F 82 -6.93 -9.48 3.31
N LYS F 83 -7.26 -9.01 4.52
CA LYS F 83 -6.85 -7.68 5.00
C LYS F 83 -5.33 -7.57 5.17
N LEU F 84 -4.65 -8.66 5.48
CA LEU F 84 -3.18 -8.71 5.51
C LEU F 84 -2.56 -8.67 4.10
N LEU F 85 -3.19 -9.33 3.13
CA LEU F 85 -2.66 -9.54 1.77
C LEU F 85 -3.41 -8.72 0.70
N GLY F 86 -3.94 -7.56 1.06
CA GLY F 86 -4.67 -6.67 0.14
C GLY F 86 -3.81 -6.04 -0.97
N ARG F 87 -2.48 -6.18 -0.89
CA ARG F 87 -1.50 -5.62 -1.82
C ARG F 87 -0.61 -6.70 -2.44
N VAL F 88 -1.15 -7.89 -2.64
CA VAL F 88 -0.42 -9.02 -3.27
C VAL F 88 -1.27 -9.72 -4.32
N THR F 89 -0.59 -10.41 -5.22
CA THR F 89 -1.14 -11.20 -6.30
C THR F 89 -0.48 -12.57 -6.31
N ILE F 90 -1.23 -13.63 -6.58
CA ILE F 90 -0.75 -15.00 -6.44
C ILE F 90 -0.50 -15.57 -7.81
N ALA F 91 0.69 -16.12 -8.05
CA ALA F 91 1.04 -16.70 -9.33
C ALA F 91 0.02 -17.78 -9.73
N GLN F 92 -0.51 -17.68 -10.95
CA GLN F 92 -1.62 -18.49 -11.48
C GLN F 92 -2.78 -18.69 -10.48
N GLY F 93 -3.05 -17.72 -9.61
CA GLY F 93 -3.98 -17.90 -8.50
C GLY F 93 -5.47 -17.85 -8.86
N GLY F 94 -5.85 -17.19 -9.95
CA GLY F 94 -7.25 -16.92 -10.27
C GLY F 94 -7.89 -15.96 -9.25
N VAL F 95 -9.19 -16.08 -9.02
CA VAL F 95 -9.94 -15.18 -8.12
C VAL F 95 -11.14 -15.89 -7.47
N LEU F 96 -11.73 -15.33 -6.42
CA LEU F 96 -12.98 -15.83 -5.83
C LEU F 96 -14.09 -15.92 -6.88
N PRO F 97 -15.00 -16.92 -6.85
CA PRO F 97 -16.10 -17.07 -7.81
C PRO F 97 -17.22 -16.00 -7.78
N ASN F 98 -16.92 -14.72 -7.53
CA ASN F 98 -17.92 -13.67 -7.34
C ASN F 98 -18.63 -13.26 -8.64
N ILE F 99 -19.96 -13.41 -8.65
CA ILE F 99 -20.87 -12.70 -9.55
C ILE F 99 -21.52 -11.56 -8.77
N GLN F 100 -21.51 -10.34 -9.31
CA GLN F 100 -22.25 -9.24 -8.70
C GLN F 100 -23.75 -9.45 -8.85
N ALA F 101 -24.52 -9.31 -7.77
CA ALA F 101 -25.89 -9.81 -7.69
C ALA F 101 -26.83 -9.30 -8.79
N VAL F 102 -26.68 -8.03 -9.20
CA VAL F 102 -27.52 -7.40 -10.23
C VAL F 102 -27.39 -8.08 -11.60
N LEU F 103 -26.27 -8.76 -11.87
CA LEU F 103 -26.01 -9.39 -13.16
C LEU F 103 -26.75 -10.74 -13.33
N LEU F 104 -27.23 -11.33 -12.25
CA LEU F 104 -27.97 -12.59 -12.26
C LEU F 104 -29.41 -12.41 -12.81
N PRO F 105 -30.01 -13.43 -13.41
CA PRO F 105 -31.42 -13.42 -13.81
C PRO F 105 -32.34 -13.41 -12.59
N LYS F 106 -33.55 -12.85 -12.75
CA LYS F 106 -34.56 -12.74 -11.69
C LYS F 106 -35.40 -14.00 -11.53
N LYS G 1 31.84 -24.24 -9.28
CA LYS G 1 30.44 -24.71 -9.25
C LYS G 1 29.56 -23.69 -8.53
N ARG G 2 28.41 -23.31 -9.10
CA ARG G 2 27.45 -22.36 -8.49
C ARG G 2 27.06 -22.75 -7.05
N SER G 3 27.02 -21.78 -6.14
CA SER G 3 26.70 -22.01 -4.73
C SER G 3 25.24 -22.39 -4.51
N ARG G 4 24.95 -23.02 -3.36
CA ARG G 4 23.58 -23.29 -2.89
C ARG G 4 22.73 -22.01 -2.81
N LYS G 5 21.45 -22.11 -3.17
CA LYS G 5 20.44 -21.08 -2.90
C LYS G 5 19.94 -21.20 -1.45
N GLU G 6 18.96 -20.38 -1.07
CA GLU G 6 18.35 -20.39 0.27
C GLU G 6 16.83 -20.31 0.18
N SER G 7 16.11 -21.12 0.95
CA SER G 7 14.64 -21.09 0.99
C SER G 7 14.09 -21.72 2.28
N TYR G 8 12.84 -21.45 2.61
CA TYR G 8 12.16 -22.04 3.76
C TYR G 8 11.60 -23.43 3.49
N SER G 9 11.93 -24.04 2.35
CA SER G 9 11.21 -25.17 1.79
C SER G 9 11.03 -26.33 2.77
N ILE G 10 12.08 -26.83 3.41
CA ILE G 10 11.90 -27.97 4.31
C ILE G 10 11.05 -27.62 5.53
N TYR G 11 11.08 -26.39 6.01
CA TYR G 11 10.33 -25.98 7.20
C TYR G 11 8.86 -25.88 6.88
N VAL G 12 8.49 -25.19 5.80
CA VAL G 12 7.08 -25.14 5.41
C VAL G 12 6.57 -26.54 5.08
N TYR G 13 7.37 -27.38 4.45
CA TYR G 13 6.97 -28.77 4.20
C TYR G 13 6.74 -29.52 5.52
N LYS G 14 7.65 -29.39 6.47
CA LYS G 14 7.51 -30.00 7.80
C LYS G 14 6.27 -29.47 8.51
N VAL G 15 5.96 -28.18 8.38
CA VAL G 15 4.75 -27.58 8.95
C VAL G 15 3.51 -28.19 8.32
N LEU G 16 3.47 -28.40 7.01
CA LEU G 16 2.35 -29.10 6.38
C LEU G 16 2.17 -30.48 7.01
N LYS G 17 3.27 -31.22 7.17
CA LYS G 17 3.27 -32.56 7.80
C LYS G 17 3.00 -32.57 9.31
N GLN G 18 2.64 -31.45 9.92
CA GLN G 18 2.02 -31.42 11.25
C GLN G 18 0.65 -30.71 11.27
N VAL G 19 -0.02 -30.54 10.13
CA VAL G 19 -1.39 -30.02 10.08
C VAL G 19 -2.30 -30.74 9.07
N HIS G 20 -1.74 -31.23 7.96
CA HIS G 20 -2.40 -32.15 7.03
C HIS G 20 -1.44 -33.28 6.63
N PRO G 21 -1.15 -34.24 7.53
CA PRO G 21 -0.14 -35.27 7.29
C PRO G 21 -0.37 -36.08 6.01
N ASP G 22 -1.65 -36.24 5.66
CA ASP G 22 -2.19 -36.90 4.49
C ASP G 22 -1.94 -36.17 3.14
N THR G 23 -1.50 -34.91 3.16
CA THR G 23 -1.57 -33.99 2.01
C THR G 23 -0.18 -33.55 1.53
N GLY G 24 -0.02 -33.34 0.22
CA GLY G 24 1.21 -32.81 -0.39
C GLY G 24 1.06 -31.35 -0.86
N ILE G 25 2.16 -30.75 -1.32
CA ILE G 25 2.16 -29.38 -1.87
C ILE G 25 2.99 -29.28 -3.14
N SER G 26 2.47 -28.62 -4.17
CA SER G 26 3.18 -28.45 -5.43
C SER G 26 4.33 -27.47 -5.32
N SER G 27 5.39 -27.65 -6.11
CA SER G 27 6.51 -26.70 -6.14
C SER G 27 6.07 -25.28 -6.51
N LYS G 28 5.01 -25.11 -7.32
CA LYS G 28 4.44 -23.79 -7.59
C LYS G 28 3.93 -23.15 -6.31
N ALA G 29 3.16 -23.90 -5.54
CA ALA G 29 2.67 -23.43 -4.24
C ALA G 29 3.81 -23.19 -3.25
N MET G 30 4.86 -24.00 -3.27
CA MET G 30 6.07 -23.75 -2.48
C MET G 30 6.72 -22.43 -2.86
N GLY G 31 6.78 -22.09 -4.14
CA GLY G 31 7.28 -20.79 -4.59
C GLY G 31 6.49 -19.65 -3.97
N ILE G 32 5.15 -19.77 -3.89
CA ILE G 32 4.33 -18.77 -3.20
C ILE G 32 4.64 -18.76 -1.71
N MET G 33 4.64 -19.90 -1.04
CA MET G 33 4.93 -19.93 0.40
C MET G 33 6.29 -19.34 0.74
N ASN G 34 7.33 -19.73 0.01
CA ASN G 34 8.67 -19.20 0.21
C ASN G 34 8.73 -17.69 -0.06
N SER G 35 7.87 -17.16 -0.95
CA SER G 35 7.75 -15.71 -1.13
C SER G 35 7.00 -15.07 0.04
N PHE G 36 5.90 -15.66 0.47
CA PHE G 36 5.08 -15.13 1.55
C PHE G 36 5.86 -15.05 2.85
N VAL G 37 6.60 -16.10 3.21
CA VAL G 37 7.42 -16.06 4.43
C VAL G 37 8.44 -14.94 4.34
N ASN G 38 9.16 -14.80 3.23
CA ASN G 38 10.11 -13.72 3.09
C ASN G 38 9.44 -12.34 3.13
N ASP G 39 8.26 -12.17 2.55
CA ASP G 39 7.59 -10.88 2.59
C ASP G 39 7.12 -10.53 4.00
N ILE G 40 6.45 -11.44 4.70
CA ILE G 40 6.00 -11.18 6.07
C ILE G 40 7.19 -10.94 6.98
N PHE G 41 8.26 -11.70 6.82
CA PHE G 41 9.49 -11.47 7.56
C PHE G 41 10.03 -10.07 7.31
N GLU G 42 10.15 -9.66 6.04
CA GLU G 42 10.66 -8.33 5.72
C GLU G 42 9.73 -7.21 6.21
N ARG G 43 8.41 -7.41 6.22
CA ARG G 43 7.51 -6.44 6.86
C ARG G 43 7.79 -6.36 8.35
N ILE G 44 7.76 -7.48 9.07
CA ILE G 44 7.85 -7.42 10.52
C ILE G 44 9.20 -6.85 10.93
N ALA G 45 10.30 -7.38 10.41
CA ALA G 45 11.61 -6.85 10.76
C ALA G 45 11.78 -5.40 10.29
N GLY G 46 11.31 -5.07 9.08
CA GLY G 46 11.43 -3.72 8.54
C GLY G 46 10.63 -2.68 9.34
N GLU G 47 9.47 -3.06 9.86
CA GLU G 47 8.64 -2.16 10.66
C GLU G 47 9.08 -2.12 12.12
N ALA G 48 9.51 -3.24 12.70
CA ALA G 48 10.20 -3.27 13.99
C ALA G 48 11.40 -2.33 14.02
N SER G 49 12.19 -2.32 12.95
CA SER G 49 13.32 -1.39 12.84
C SER G 49 12.92 0.06 13.03
N ARG G 50 11.73 0.46 12.54
CA ARG G 50 11.23 1.81 12.78
C ARG G 50 10.86 2.02 14.24
N LEU G 51 10.28 1.05 14.93
CA LEU G 51 10.00 1.21 16.37
C LEU G 51 11.29 1.41 17.15
N ALA G 52 12.34 0.66 16.83
CA ALA G 52 13.61 0.83 17.49
C ALA G 52 14.11 2.29 17.36
N HIS G 53 14.03 2.87 16.17
CA HIS G 53 14.42 4.28 15.96
C HIS G 53 13.46 5.27 16.60
N TYR G 54 12.15 5.06 16.52
CA TYR G 54 11.19 5.94 17.18
C TYR G 54 11.45 6.04 18.67
N ASN G 55 11.91 4.95 19.29
CA ASN G 55 12.27 4.89 20.70
C ASN G 55 13.74 5.21 20.99
N LYS G 56 14.56 5.43 19.96
CA LYS G 56 16.02 5.57 20.06
C LYS G 56 16.66 4.41 20.84
N ARG G 57 16.17 3.19 20.65
CA ARG G 57 16.66 1.95 21.26
C ARG G 57 17.50 1.17 20.25
N SER G 58 18.67 0.68 20.64
CA SER G 58 19.56 -0.06 19.74
C SER G 58 19.15 -1.52 19.48
N THR G 59 18.41 -2.19 20.35
CA THR G 59 18.18 -3.64 20.23
C THR G 59 16.81 -3.98 19.66
N ILE G 60 16.77 -4.70 18.53
CA ILE G 60 15.54 -5.40 18.11
C ILE G 60 15.23 -6.45 19.17
N THR G 61 14.03 -6.46 19.75
CA THR G 61 13.75 -7.16 21.02
C THR G 61 12.40 -7.87 21.04
N SER G 62 12.30 -9.01 21.71
CA SER G 62 11.04 -9.78 21.78
C SER G 62 10.03 -8.81 22.39
N ARG G 63 10.42 -8.01 23.40
CA ARG G 63 9.55 -6.94 23.99
C ARG G 63 8.72 -5.91 23.04
N GLU G 64 9.27 -5.92 21.84
CA GLU G 64 8.95 -5.03 20.75
C GLU G 64 8.62 -5.55 19.35
N ILE G 65 9.12 -6.72 18.94
CA ILE G 65 8.49 -7.49 17.86
C ILE G 65 7.01 -7.74 18.19
N GLN G 66 6.71 -7.98 19.47
CA GLN G 66 5.34 -8.09 19.97
C GLN G 66 4.48 -6.88 19.60
N THR G 67 5.06 -5.68 19.48
CA THR G 67 4.33 -4.53 18.98
C THR G 67 4.14 -4.63 17.47
N ALA G 68 5.20 -4.92 16.72
CA ALA G 68 5.11 -4.95 15.27
C ALA G 68 4.06 -5.94 14.78
N VAL G 69 3.97 -7.12 15.40
CA VAL G 69 2.97 -8.11 14.98
C VAL G 69 1.55 -7.78 15.40
N ARG G 70 1.32 -6.82 16.31
CA ARG G 70 -0.03 -6.26 16.52
C ARG G 70 -0.32 -5.02 15.69
N LEU G 71 0.71 -4.42 15.09
CA LEU G 71 0.54 -3.37 14.08
C LEU G 71 0.24 -3.97 12.70
N LEU G 72 1.07 -4.90 12.22
CA LEU G 72 0.89 -5.46 10.88
C LEU G 72 -0.35 -6.35 10.76
N LEU G 73 -0.49 -7.34 11.63
CA LEU G 73 -1.62 -8.27 11.56
C LEU G 73 -2.89 -7.59 12.08
N PRO G 74 -4.06 -7.82 11.46
CA PRO G 74 -5.32 -7.31 11.97
C PRO G 74 -5.92 -8.20 13.06
N GLY G 75 -6.86 -7.66 13.83
CA GLY G 75 -7.89 -8.42 14.55
C GLY G 75 -7.41 -9.59 15.42
N GLU G 76 -8.09 -10.73 15.32
CA GLU G 76 -7.76 -11.92 16.10
C GLU G 76 -6.52 -12.63 15.60
N LEU G 77 -6.18 -12.52 14.31
CA LEU G 77 -4.92 -13.04 13.79
C LEU G 77 -3.75 -12.45 14.57
N ALA G 78 -3.81 -11.15 14.89
CA ALA G 78 -2.81 -10.53 15.76
C ALA G 78 -2.79 -11.19 17.14
N LYS G 79 -3.94 -11.30 17.80
CA LYS G 79 -4.00 -11.85 19.15
C LYS G 79 -3.46 -13.28 19.22
N HIS G 80 -3.81 -14.13 18.27
CA HIS G 80 -3.31 -15.50 18.26
C HIS G 80 -1.83 -15.57 17.89
N ALA G 81 -1.35 -14.73 16.98
CA ALA G 81 0.08 -14.66 16.71
C ALA G 81 0.87 -14.26 17.95
N VAL G 82 0.45 -13.20 18.64
CA VAL G 82 1.06 -12.78 19.89
C VAL G 82 1.04 -13.91 20.92
N SER G 83 -0.05 -14.69 20.97
CA SER G 83 -0.10 -15.87 21.82
C SER G 83 1.03 -16.84 21.47
N GLU G 84 1.17 -17.22 20.20
CA GLU G 84 2.21 -18.18 19.83
C GLU G 84 3.62 -17.64 20.13
N GLY G 85 3.86 -16.35 19.88
CA GLY G 85 5.11 -15.71 20.27
C GLY G 85 5.35 -15.78 21.77
N THR G 86 4.31 -15.51 22.56
CA THR G 86 4.38 -15.61 24.02
C THR G 86 4.71 -17.02 24.47
N LYS G 87 4.03 -18.03 23.92
CA LYS G 87 4.28 -19.43 24.28
C LYS G 87 5.71 -19.84 23.91
N ALA G 88 6.15 -19.49 22.71
CA ALA G 88 7.48 -19.82 22.23
C ALA G 88 8.57 -19.24 23.14
N VAL G 89 8.49 -17.95 23.44
CA VAL G 89 9.45 -17.33 24.36
C VAL G 89 9.32 -17.93 25.75
N THR G 90 8.12 -18.28 26.21
CA THR G 90 7.94 -18.91 27.53
C THR G 90 8.68 -20.25 27.60
N LYS G 91 8.61 -21.09 26.56
CA LYS G 91 9.41 -22.32 26.49
C LYS G 91 10.89 -21.98 26.46
N TYR G 92 11.32 -21.09 25.57
CA TYR G 92 12.73 -20.78 25.39
C TYR G 92 13.38 -20.19 26.65
N THR G 93 12.72 -19.25 27.33
CA THR G 93 13.23 -18.67 28.58
C THR G 93 13.16 -19.63 29.77
N SER G 94 12.38 -20.72 29.67
CA SER G 94 12.42 -21.80 30.65
C SER G 94 13.56 -22.78 30.36
N ALA G 95 13.82 -23.09 29.09
CA ALA G 95 14.83 -24.04 28.68
C ALA G 95 16.27 -23.47 28.73
N LYS G 96 16.45 -22.23 28.25
CA LYS G 96 17.73 -21.51 28.09
C LYS G 96 18.85 -22.36 27.47
N LYS H 1 -28.83 -28.53 -19.91
CA LYS H 1 -29.33 -28.56 -21.32
C LYS H 1 -30.38 -27.48 -21.57
N LYS H 2 -31.59 -27.59 -21.02
CA LYS H 2 -32.81 -26.83 -21.36
C LYS H 2 -32.66 -25.34 -21.80
N PRO H 3 -31.96 -24.43 -21.08
CA PRO H 3 -31.89 -23.02 -21.47
C PRO H 3 -31.06 -22.76 -22.75
N HIS H 4 -29.92 -23.43 -22.92
CA HIS H 4 -28.91 -23.12 -23.97
C HIS H 4 -28.59 -21.62 -24.10
N ARG H 5 -29.23 -20.91 -25.03
CA ARG H 5 -29.07 -19.49 -25.36
C ARG H 5 -30.05 -18.56 -24.62
N TYR H 6 -30.96 -19.11 -23.81
CA TYR H 6 -32.04 -18.42 -23.10
C TYR H 6 -31.58 -17.12 -22.45
N ARG H 7 -32.34 -16.03 -22.67
CA ARG H 7 -31.95 -14.64 -22.38
C ARG H 7 -30.53 -14.34 -22.90
N PRO H 8 -30.35 -14.16 -24.21
CA PRO H 8 -29.06 -13.80 -24.83
C PRO H 8 -28.34 -12.72 -24.03
N GLY H 9 -27.08 -12.99 -23.69
CA GLY H 9 -26.46 -12.43 -22.48
C GLY H 9 -26.59 -13.38 -21.28
N THR H 10 -26.49 -14.69 -21.52
CA THR H 10 -26.47 -15.74 -20.47
C THR H 10 -25.41 -16.80 -20.73
N VAL H 11 -25.04 -17.07 -21.98
CA VAL H 11 -23.76 -17.76 -22.24
C VAL H 11 -22.62 -16.88 -21.73
N ALA H 12 -22.83 -15.56 -21.64
CA ALA H 12 -22.00 -14.66 -20.88
C ALA H 12 -21.71 -15.18 -19.46
N LEU H 13 -22.73 -15.49 -18.65
CA LEU H 13 -22.48 -16.01 -17.30
C LEU H 13 -21.76 -17.36 -17.32
N ARG H 14 -22.01 -18.19 -18.32
CA ARG H 14 -21.27 -19.45 -18.49
C ARG H 14 -19.79 -19.17 -18.73
N GLU H 15 -19.45 -18.15 -19.51
CA GLU H 15 -18.07 -17.68 -19.62
C GLU H 15 -17.53 -17.09 -18.31
N ILE H 16 -18.31 -16.33 -17.54
CA ILE H 16 -17.83 -15.84 -16.24
C ILE H 16 -17.39 -17.03 -15.40
N ARG H 17 -18.25 -18.05 -15.26
CA ARG H 17 -17.92 -19.21 -14.44
C ARG H 17 -16.71 -19.96 -14.96
N ARG H 18 -16.56 -20.12 -16.28
CA ARG H 18 -15.37 -20.76 -16.88
C ARG H 18 -14.09 -20.00 -16.55
N TYR H 19 -14.02 -18.72 -16.89
CA TYR H 19 -12.78 -17.95 -16.75
C TYR H 19 -12.50 -17.50 -15.31
N GLN H 20 -13.51 -17.49 -14.44
CA GLN H 20 -13.33 -17.23 -13.02
C GLN H 20 -12.91 -18.47 -12.25
N LYS H 21 -13.36 -19.67 -12.66
CA LYS H 21 -12.93 -20.95 -12.07
C LYS H 21 -11.48 -21.27 -12.44
N SER H 22 -11.14 -21.16 -13.72
CA SER H 22 -9.87 -21.68 -14.26
C SER H 22 -8.70 -20.71 -14.12
N THR H 23 -7.47 -21.22 -14.25
CA THR H 23 -6.21 -20.48 -14.02
C THR H 23 -5.22 -20.58 -15.17
N GLU H 24 -5.73 -20.74 -16.38
CA GLU H 24 -5.01 -20.29 -17.58
C GLU H 24 -4.60 -18.80 -17.42
N LEU H 25 -3.59 -18.37 -18.18
CA LEU H 25 -3.31 -16.96 -18.40
C LEU H 25 -3.90 -16.55 -19.77
N LEU H 26 -4.80 -15.58 -19.75
CA LEU H 26 -5.81 -15.33 -20.77
C LEU H 26 -5.31 -14.58 -22.01
N ILE H 27 -4.11 -14.01 -21.97
CA ILE H 27 -3.43 -13.42 -23.12
C ILE H 27 -2.43 -14.43 -23.73
N ARG H 28 -2.41 -14.55 -25.05
CA ARG H 28 -1.46 -15.43 -25.77
C ARG H 28 -0.01 -15.06 -25.45
N LYS H 29 0.85 -16.03 -25.12
CA LYS H 29 2.22 -15.76 -24.66
C LYS H 29 3.05 -15.00 -25.70
N LEU H 30 3.13 -15.46 -26.94
CA LEU H 30 4.00 -14.84 -27.93
C LEU H 30 3.58 -13.38 -28.21
N PRO H 31 2.31 -13.07 -28.48
CA PRO H 31 1.84 -11.70 -28.55
C PRO H 31 2.21 -10.87 -27.33
N PHE H 32 2.03 -11.38 -26.12
CA PHE H 32 2.39 -10.64 -24.92
C PHE H 32 3.91 -10.45 -24.81
N GLN H 33 4.70 -11.46 -25.15
CA GLN H 33 6.14 -11.32 -25.15
C GLN H 33 6.58 -10.25 -26.15
N ARG H 34 6.06 -10.27 -27.39
CA ARG H 34 6.39 -9.22 -28.35
C ARG H 34 6.01 -7.86 -27.80
N LEU H 35 4.87 -7.73 -27.13
CA LEU H 35 4.50 -6.47 -26.51
C LEU H 35 5.55 -6.00 -25.49
N VAL H 36 6.00 -6.84 -24.55
CA VAL H 36 6.95 -6.32 -23.55
C VAL H 36 8.28 -5.99 -24.17
N ARG H 37 8.78 -6.78 -25.13
CA ARG H 37 10.08 -6.51 -25.75
C ARG H 37 10.04 -5.22 -26.55
N GLU H 38 9.00 -5.05 -27.36
CA GLU H 38 8.84 -3.86 -28.20
C GLU H 38 8.39 -2.63 -27.40
N ILE H 39 7.91 -2.77 -26.16
CA ILE H 39 7.88 -1.64 -25.21
C ILE H 39 9.28 -1.35 -24.70
N ALA H 40 9.99 -2.34 -24.14
CA ALA H 40 11.20 -2.07 -23.36
C ALA H 40 12.30 -1.40 -24.19
N GLN H 41 12.40 -1.71 -25.48
CA GLN H 41 13.40 -1.11 -26.35
C GLN H 41 13.30 0.42 -26.45
N ASP H 42 12.15 1.03 -26.14
CA ASP H 42 12.04 2.49 -26.06
C ASP H 42 12.93 3.12 -24.98
N PHE H 43 13.32 2.33 -23.96
CA PHE H 43 14.08 2.83 -22.81
C PHE H 43 15.50 2.27 -22.72
N LYS H 44 15.72 1.03 -23.19
CA LYS H 44 17.05 0.47 -23.37
C LYS H 44 17.05 -0.53 -24.52
N THR H 45 17.76 -0.22 -25.59
CA THR H 45 17.91 -1.16 -26.70
C THR H 45 18.80 -2.35 -26.32
N ASP H 46 18.66 -3.48 -27.01
CA ASP H 46 19.43 -4.73 -26.82
C ASP H 46 19.30 -5.37 -25.42
N LEU H 47 18.15 -5.23 -24.75
CA LEU H 47 17.84 -6.02 -23.57
C LEU H 47 17.58 -7.49 -23.90
N ARG H 48 18.03 -8.38 -23.02
CA ARG H 48 17.52 -9.74 -22.91
C ARG H 48 16.44 -9.83 -21.82
N PHE H 49 15.64 -10.88 -21.82
CA PHE H 49 14.67 -11.17 -20.75
C PHE H 49 14.81 -12.60 -20.26
N GLN H 50 14.82 -12.83 -18.95
CA GLN H 50 14.67 -14.18 -18.43
C GLN H 50 13.30 -14.74 -18.82
N SER H 51 13.27 -15.99 -19.23
CA SER H 51 12.10 -16.60 -19.86
C SER H 51 10.91 -16.75 -18.91
N SER H 52 11.15 -16.74 -17.59
CA SER H 52 10.10 -16.61 -16.58
C SER H 52 9.74 -15.16 -16.28
N ALA H 53 10.65 -14.19 -16.41
CA ALA H 53 10.37 -12.81 -16.05
C ALA H 53 9.25 -12.22 -16.92
N VAL H 54 9.24 -12.53 -18.20
CA VAL H 54 8.14 -12.14 -19.08
C VAL H 54 6.83 -12.72 -18.57
N MET H 55 6.80 -13.94 -18.07
CA MET H 55 5.59 -14.49 -17.46
C MET H 55 5.25 -13.77 -16.16
N ALA H 56 6.24 -13.35 -15.37
CA ALA H 56 5.98 -12.57 -14.18
C ALA H 56 5.34 -11.22 -14.54
N LEU H 57 5.77 -10.57 -15.62
CA LEU H 57 5.06 -9.40 -16.11
C LEU H 57 3.64 -9.77 -16.53
N GLN H 58 3.45 -10.88 -17.23
CA GLN H 58 2.11 -11.27 -17.65
C GLN H 58 1.19 -11.48 -16.45
N GLU H 59 1.59 -12.26 -15.46
CA GLU H 59 0.74 -12.55 -14.32
C GLU H 59 0.46 -11.30 -13.49
N ALA H 60 1.38 -10.36 -13.42
CA ALA H 60 1.08 -9.06 -12.84
C ALA H 60 0.05 -8.30 -13.67
N CYS H 61 0.18 -8.28 -15.00
CA CYS H 61 -0.79 -7.62 -15.86
C CYS H 61 -2.16 -8.22 -15.75
N GLU H 62 -2.30 -9.53 -15.85
CA GLU H 62 -3.62 -10.14 -15.80
C GLU H 62 -4.25 -9.94 -14.42
N ALA H 63 -3.49 -10.02 -13.34
CA ALA H 63 -4.02 -9.65 -12.04
C ALA H 63 -4.49 -8.19 -12.02
N TYR H 64 -3.69 -7.26 -12.56
CA TYR H 64 -4.05 -5.85 -12.59
C TYR H 64 -5.30 -5.60 -13.42
N LEU H 65 -5.40 -6.17 -14.62
CA LEU H 65 -6.57 -6.05 -15.48
C LEU H 65 -7.80 -6.66 -14.83
N VAL H 66 -7.70 -7.84 -14.22
CA VAL H 66 -8.84 -8.46 -13.55
C VAL H 66 -9.35 -7.55 -12.45
N GLY H 67 -8.45 -7.04 -11.60
CA GLY H 67 -8.82 -6.12 -10.54
C GLY H 67 -9.50 -4.87 -11.07
N LEU H 68 -8.94 -4.30 -12.14
CA LEU H 68 -9.52 -3.13 -12.80
C LEU H 68 -10.93 -3.43 -13.31
N PHE H 69 -11.15 -4.56 -13.96
CA PHE H 69 -12.49 -4.89 -14.42
C PHE H 69 -13.45 -5.10 -13.28
N GLU H 70 -13.04 -5.75 -12.19
CA GLU H 70 -13.93 -5.94 -11.04
C GLU H 70 -14.36 -4.58 -10.47
N ASP H 71 -13.43 -3.62 -10.38
CA ASP H 71 -13.72 -2.25 -9.99
C ASP H 71 -14.59 -1.51 -11.03
N THR H 72 -14.40 -1.81 -12.31
CA THR H 72 -15.23 -1.25 -13.38
C THR H 72 -16.65 -1.78 -13.28
N ASN H 73 -16.83 -3.05 -12.93
CA ASN H 73 -18.13 -3.68 -12.78
C ASN H 73 -18.98 -2.91 -11.76
N LEU H 74 -18.38 -2.60 -10.61
CA LEU H 74 -18.99 -1.77 -9.59
C LEU H 74 -19.39 -0.41 -10.15
N CYS H 75 -18.54 0.26 -10.92
CA CYS H 75 -18.88 1.54 -11.50
C CYS H 75 -20.08 1.46 -12.47
N ALA H 76 -20.18 0.40 -13.25
CA ALA H 76 -21.32 0.23 -14.15
C ALA H 76 -22.60 -0.08 -13.38
N ILE H 77 -22.53 -1.03 -12.47
CA ILE H 77 -23.70 -1.45 -11.68
C ILE H 77 -24.22 -0.28 -10.86
N HIS H 78 -23.32 0.52 -10.29
CA HIS H 78 -23.70 1.72 -9.59
C HIS H 78 -24.43 2.69 -10.53
N ALA H 79 -23.92 2.93 -11.73
CA ALA H 79 -24.58 3.76 -12.73
C ALA H 79 -25.72 3.06 -13.48
N LYS H 80 -26.35 2.05 -12.87
CA LYS H 80 -27.56 1.39 -13.41
C LYS H 80 -27.36 0.76 -14.80
N ARG H 81 -26.15 0.30 -15.10
CA ARG H 81 -25.84 -0.45 -16.33
C ARG H 81 -25.27 -1.82 -15.99
N VAL H 82 -25.60 -2.81 -16.80
CA VAL H 82 -24.90 -4.11 -16.81
C VAL H 82 -23.78 -4.12 -17.85
N THR H 83 -23.71 -3.09 -18.68
CA THR H 83 -22.70 -2.95 -19.73
C THR H 83 -21.61 -1.98 -19.30
N ILE H 84 -20.34 -2.39 -19.29
CA ILE H 84 -19.24 -1.46 -19.02
C ILE H 84 -18.88 -0.61 -20.24
N MET H 85 -18.39 0.59 -19.99
CA MET H 85 -17.98 1.59 -20.98
C MET H 85 -16.70 2.28 -20.54
N PRO H 86 -15.92 2.91 -21.43
CA PRO H 86 -14.72 3.64 -21.05
C PRO H 86 -14.92 4.56 -19.85
N LYS H 87 -16.02 5.31 -19.79
CA LYS H 87 -16.33 6.20 -18.66
C LYS H 87 -16.35 5.49 -17.30
N ASP H 88 -16.68 4.21 -17.25
CA ASP H 88 -16.52 3.43 -16.01
C ASP H 88 -15.05 3.27 -15.65
N ILE H 89 -14.21 2.89 -16.61
CA ILE H 89 -12.78 2.76 -16.36
C ILE H 89 -12.19 4.11 -15.96
N GLN H 90 -12.63 5.22 -16.57
CA GLN H 90 -12.18 6.55 -16.14
C GLN H 90 -12.51 6.81 -14.67
N LEU H 91 -13.69 6.43 -14.20
CA LEU H 91 -14.00 6.56 -12.78
C LEU H 91 -13.06 5.69 -11.95
N ALA H 92 -13.00 4.39 -12.24
CA ALA H 92 -12.22 3.46 -11.43
C ALA H 92 -10.75 3.86 -11.35
N ARG H 93 -10.14 4.13 -12.50
CA ARG H 93 -8.73 4.48 -12.56
C ARG H 93 -8.45 5.85 -11.95
N ARG H 94 -9.43 6.76 -11.92
CA ARG H 94 -9.30 8.00 -11.14
C ARG H 94 -9.36 7.73 -9.65
N ILE H 95 -10.35 6.99 -9.16
CA ILE H 95 -10.53 6.84 -7.72
C ILE H 95 -9.37 6.08 -7.06
N ARG H 96 -8.78 5.08 -7.73
CA ARG H 96 -7.57 4.44 -7.21
C ARG H 96 -6.32 5.34 -7.26
N GLY H 97 -6.44 6.55 -7.80
CA GLY H 97 -5.40 7.58 -7.78
C GLY H 97 -4.36 7.46 -8.89
N GLU H 98 -4.63 6.67 -9.93
CA GLU H 98 -3.62 6.35 -10.94
C GLU H 98 -3.54 7.34 -12.11
N ARG H 99 -4.63 8.04 -12.46
CA ARG H 99 -4.74 8.76 -13.74
C ARG H 99 -4.88 10.29 -13.66
N ALA H 100 -5.42 10.83 -12.57
CA ALA H 100 -5.71 12.27 -12.42
C ALA H 100 -5.75 12.73 -10.96
N ASP I 1 3.71 -2.21 -35.10
CA ASP I 1 2.39 -2.69 -34.60
C ASP I 1 2.58 -3.91 -33.70
N ASN I 2 2.29 -3.80 -32.41
CA ASN I 2 2.41 -4.92 -31.45
C ASN I 2 1.27 -4.97 -30.43
N ILE I 3 0.79 -3.83 -29.92
CA ILE I 3 -0.26 -3.80 -28.89
C ILE I 3 -1.55 -4.48 -29.36
N GLN I 4 -1.86 -4.48 -30.65
CA GLN I 4 -3.01 -5.20 -31.19
C GLN I 4 -2.89 -6.72 -31.06
N GLY I 5 -1.73 -7.25 -30.65
CA GLY I 5 -1.59 -8.64 -30.20
C GLY I 5 -2.40 -8.95 -28.94
N ILE I 6 -2.79 -7.94 -28.17
CA ILE I 6 -3.81 -8.05 -27.13
C ILE I 6 -5.18 -8.16 -27.79
N THR I 7 -5.53 -9.39 -28.15
CA THR I 7 -6.66 -9.67 -29.04
C THR I 7 -8.01 -9.26 -28.44
N LYS I 8 -9.01 -9.02 -29.29
CA LYS I 8 -10.37 -8.73 -28.84
C LYS I 8 -10.89 -9.77 -27.86
N PRO I 9 -10.83 -11.08 -28.15
CA PRO I 9 -11.29 -12.07 -27.19
C PRO I 9 -10.39 -12.16 -25.95
N ALA I 10 -9.10 -11.83 -26.02
CA ALA I 10 -8.29 -11.80 -24.80
C ALA I 10 -8.82 -10.77 -23.81
N ILE I 11 -9.11 -9.55 -24.24
CA ILE I 11 -9.74 -8.57 -23.35
C ILE I 11 -11.08 -9.09 -22.87
N ARG I 12 -11.91 -9.69 -23.74
CA ARG I 12 -13.19 -10.24 -23.30
C ARG I 12 -12.99 -11.28 -22.21
N ARG I 13 -12.03 -12.19 -22.35
CA ARG I 13 -11.73 -13.18 -21.31
C ARG I 13 -11.33 -12.49 -20.01
N LEU I 14 -10.39 -11.55 -20.03
CA LEU I 14 -9.98 -10.87 -18.79
C LEU I 14 -11.17 -10.20 -18.13
N ALA I 15 -11.98 -9.49 -18.90
CA ALA I 15 -13.20 -8.90 -18.42
C ALA I 15 -14.14 -9.96 -17.83
N ARG I 16 -14.29 -11.11 -18.49
CA ARG I 16 -15.14 -12.19 -18.01
C ARG I 16 -14.62 -12.79 -16.71
N ARG I 17 -13.33 -13.02 -16.55
CA ARG I 17 -12.78 -13.40 -15.23
C ARG I 17 -13.07 -12.33 -14.19
N GLY I 18 -12.99 -11.07 -14.59
CA GLY I 18 -13.32 -9.92 -13.75
C GLY I 18 -14.80 -9.78 -13.41
N GLY I 19 -15.68 -10.63 -13.94
CA GLY I 19 -17.08 -10.68 -13.55
C GLY I 19 -18.02 -9.74 -14.32
N VAL I 20 -17.54 -8.94 -15.28
CA VAL I 20 -18.43 -8.02 -16.02
C VAL I 20 -19.24 -8.74 -17.08
N LYS I 21 -20.57 -8.59 -17.05
CA LYS I 21 -21.43 -9.35 -17.95
C LYS I 21 -21.30 -8.89 -19.40
N ARG I 22 -21.34 -7.60 -19.69
CA ARG I 22 -21.50 -7.09 -21.07
C ARG I 22 -20.51 -5.96 -21.38
N ILE I 23 -19.82 -6.03 -22.51
CA ILE I 23 -18.66 -5.17 -22.79
C ILE I 23 -18.94 -4.21 -23.94
N SER I 24 -18.84 -2.89 -23.73
CA SER I 24 -18.95 -1.96 -24.84
C SER I 24 -17.78 -2.08 -25.82
N GLY I 25 -18.03 -1.95 -27.13
CA GLY I 25 -17.02 -2.09 -28.16
C GLY I 25 -15.90 -1.04 -28.08
N LEU I 26 -16.13 0.07 -27.39
CA LEU I 26 -15.09 1.08 -27.16
C LEU I 26 -14.03 0.61 -26.15
N ILE I 27 -14.32 -0.43 -25.35
CA ILE I 27 -13.45 -0.85 -24.25
C ILE I 27 -12.09 -1.33 -24.75
N TYR I 28 -12.04 -2.11 -25.84
CA TYR I 28 -10.81 -2.76 -26.28
C TYR I 28 -9.68 -1.77 -26.54
N GLU I 29 -9.92 -0.76 -27.36
CA GLU I 29 -8.86 0.17 -27.74
C GLU I 29 -8.52 1.15 -26.63
N GLU I 30 -9.41 1.37 -25.67
CA GLU I 30 -9.07 2.14 -24.48
C GLU I 30 -8.23 1.30 -23.50
N THR I 31 -8.65 0.06 -23.25
CA THR I 31 -7.98 -0.85 -22.29
C THR I 31 -6.56 -1.17 -22.72
N ARG I 32 -6.30 -1.32 -24.02
CA ARG I 32 -4.94 -1.46 -24.56
C ARG I 32 -4.02 -0.31 -24.12
N GLY I 33 -4.55 0.90 -24.02
CA GLY I 33 -3.82 2.03 -23.45
C GLY I 33 -3.53 1.85 -21.96
N VAL I 34 -4.47 1.33 -21.18
CA VAL I 34 -4.26 1.11 -19.75
C VAL I 34 -3.25 0.01 -19.49
N LEU I 35 -3.36 -1.12 -20.20
CA LEU I 35 -2.34 -2.16 -20.10
C LEU I 35 -0.97 -1.62 -20.52
N LYS I 36 -0.91 -0.83 -21.60
CA LYS I 36 0.32 -0.21 -22.07
C LYS I 36 0.96 0.65 -20.98
N VAL I 37 0.23 1.58 -20.37
CA VAL I 37 0.86 2.43 -19.34
C VAL I 37 1.24 1.63 -18.10
N PHE I 38 0.48 0.59 -17.74
CA PHE I 38 0.87 -0.28 -16.63
C PHE I 38 2.17 -1.02 -16.93
N LEU I 39 2.29 -1.65 -18.09
CA LEU I 39 3.52 -2.31 -18.48
C LEU I 39 4.68 -1.33 -18.53
N GLU I 40 4.44 -0.16 -19.09
CA GLU I 40 5.48 0.84 -19.20
C GLU I 40 6.00 1.27 -17.82
N ASN I 41 5.12 1.50 -16.85
CA ASN I 41 5.57 1.83 -15.51
C ASN I 41 6.37 0.70 -14.86
N VAL I 42 5.97 -0.57 -14.96
CA VAL I 42 6.75 -1.63 -14.31
C VAL I 42 8.05 -1.89 -15.04
N ILE I 43 8.06 -1.78 -16.36
CA ILE I 43 9.28 -1.97 -17.13
C ILE I 43 10.28 -0.87 -16.84
N ARG I 44 9.90 0.42 -16.76
CA ARG I 44 10.86 1.49 -16.40
C ARG I 44 11.60 1.16 -15.12
N ASP I 45 10.88 0.76 -14.09
CA ASP I 45 11.51 0.41 -12.84
C ASP I 45 12.35 -0.86 -12.97
N ALA I 46 11.83 -1.91 -13.62
CA ALA I 46 12.55 -3.17 -13.74
C ALA I 46 13.86 -3.01 -14.52
N VAL I 47 13.81 -2.31 -15.64
CA VAL I 47 15.01 -2.03 -16.42
C VAL I 47 15.95 -1.16 -15.61
N THR I 48 15.46 -0.25 -14.79
CA THR I 48 16.33 0.54 -13.93
C THR I 48 17.07 -0.33 -12.92
N TYR I 49 16.39 -1.29 -12.27
CA TYR I 49 17.10 -2.23 -11.40
C TYR I 49 18.13 -3.04 -12.18
N THR I 50 17.78 -3.55 -13.36
CA THR I 50 18.72 -4.39 -14.11
C THR I 50 19.93 -3.60 -14.59
N GLU I 51 19.74 -2.36 -15.04
CA GLU I 51 20.84 -1.47 -15.39
C GLU I 51 21.75 -1.22 -14.20
N HIS I 52 21.18 -0.95 -13.04
CA HIS I 52 21.98 -0.74 -11.84
C HIS I 52 22.82 -1.97 -11.52
N ALA I 53 22.25 -3.15 -11.66
CA ALA I 53 22.94 -4.40 -11.41
C ALA I 53 23.99 -4.78 -12.47
N LYS I 54 24.35 -3.88 -13.40
CA LYS I 54 25.30 -4.08 -14.52
C LYS I 54 24.88 -5.08 -15.59
N ARG I 55 24.17 -6.14 -15.24
CA ARG I 55 23.62 -7.14 -16.18
C ARG I 55 22.76 -6.49 -17.25
N LYS I 56 22.51 -7.18 -18.37
CA LYS I 56 21.62 -6.70 -19.44
C LYS I 56 20.55 -7.69 -19.87
N THR I 57 20.28 -8.70 -19.03
CA THR I 57 19.03 -9.46 -19.04
C THR I 57 18.12 -9.05 -17.89
N VAL I 58 16.89 -8.65 -18.17
CA VAL I 58 15.90 -8.38 -17.11
C VAL I 58 15.56 -9.69 -16.44
N THR I 59 15.93 -9.83 -15.18
CA THR I 59 15.66 -11.03 -14.41
C THR I 59 14.25 -11.04 -13.83
N ALA I 60 13.78 -12.19 -13.38
CA ALA I 60 12.55 -12.26 -12.62
C ALA I 60 12.61 -11.34 -11.39
N MET I 61 13.77 -11.29 -10.73
CA MET I 61 13.93 -10.40 -9.59
C MET I 61 13.80 -8.94 -9.97
N ASP I 62 14.36 -8.51 -11.10
CA ASP I 62 14.20 -7.13 -11.55
C ASP I 62 12.72 -6.74 -11.65
N VAL I 63 11.86 -7.61 -12.20
CA VAL I 63 10.43 -7.28 -12.31
C VAL I 63 9.69 -7.47 -10.99
N VAL I 64 10.02 -8.48 -10.19
CA VAL I 64 9.42 -8.65 -8.86
C VAL I 64 9.71 -7.46 -7.97
N TYR I 65 10.94 -6.94 -7.98
CA TYR I 65 11.28 -5.76 -7.19
C TYR I 65 10.52 -4.54 -7.68
N ALA I 66 10.46 -4.28 -8.98
CA ALA I 66 9.65 -3.18 -9.50
C ALA I 66 8.19 -3.30 -9.04
N LEU I 67 7.58 -4.48 -9.13
CA LEU I 67 6.21 -4.70 -8.70
C LEU I 67 6.03 -4.52 -7.19
N LYS I 68 6.98 -5.00 -6.39
CA LYS I 68 7.02 -4.76 -4.93
C LYS I 68 7.11 -3.26 -4.65
N ARG I 69 7.92 -2.52 -5.40
CA ARG I 69 8.08 -1.08 -5.22
C ARG I 69 6.79 -0.34 -5.50
N GLN I 70 6.09 -0.71 -6.57
CA GLN I 70 4.82 -0.09 -6.95
C GLN I 70 3.64 -0.53 -6.07
N GLY I 71 3.88 -1.36 -5.05
CA GLY I 71 2.84 -1.82 -4.13
C GLY I 71 1.84 -2.78 -4.79
N ARG I 72 2.28 -3.52 -5.82
CA ARG I 72 1.51 -4.56 -6.50
C ARG I 72 2.30 -5.87 -6.46
N THR I 73 2.61 -6.33 -5.26
CA THR I 73 3.47 -7.50 -5.01
C THR I 73 2.98 -8.73 -5.74
N LEU I 74 3.89 -9.62 -6.16
CA LEU I 74 3.49 -10.96 -6.59
C LEU I 74 4.31 -12.03 -5.90
N TYR I 75 3.67 -13.13 -5.57
CA TYR I 75 4.29 -14.29 -4.98
C TYR I 75 4.34 -15.41 -6.02
N GLY I 76 5.50 -16.07 -6.15
CA GLY I 76 5.67 -17.24 -7.01
C GLY I 76 6.97 -17.24 -7.80
N PHE I 77 7.50 -16.06 -8.09
CA PHE I 77 8.77 -15.88 -8.79
C PHE I 77 9.96 -15.72 -7.83
N GLY I 78 9.83 -16.18 -6.59
CA GLY I 78 10.89 -16.12 -5.57
C GLY I 78 11.02 -14.74 -4.95
N GLY I 79 9.97 -14.27 -4.27
CA GLY I 79 9.93 -12.97 -3.57
C GLY I 79 10.95 -12.82 -2.45
N GLY J 1 49.42 16.71 16.24
CA GLY J 1 49.97 17.56 15.16
C GLY J 1 49.24 18.89 15.10
N LYS J 2 48.91 19.36 13.90
CA LYS J 2 48.15 20.60 13.64
C LYS J 2 47.24 20.48 12.42
N ALA J 3 46.17 21.28 12.39
CA ALA J 3 45.10 21.22 11.39
C ALA J 3 44.74 22.62 10.88
N ARG J 4 44.04 22.68 9.74
CA ARG J 4 43.77 23.92 8.99
C ARG J 4 42.69 24.77 9.64
N ALA J 5 42.96 26.07 9.80
CA ALA J 5 41.98 27.04 10.24
C ALA J 5 40.79 27.07 9.26
N LYS J 6 39.56 26.96 9.79
CA LYS J 6 38.32 26.81 9.00
C LYS J 6 38.41 25.70 7.93
N ALA J 7 38.93 24.54 8.31
CA ALA J 7 38.87 23.34 7.45
C ALA J 7 37.42 23.10 7.01
N LYS J 8 37.18 23.18 5.70
CA LYS J 8 35.85 23.53 5.15
C LYS J 8 34.81 22.42 5.28
N THR J 9 33.55 22.79 5.51
CA THR J 9 32.45 21.81 5.58
C THR J 9 32.27 21.08 4.26
N ARG J 10 31.84 19.83 4.30
CA ARG J 10 31.60 19.04 3.07
C ARG J 10 30.62 19.75 2.16
N SER J 11 29.59 20.40 2.70
CA SER J 11 28.67 21.23 1.93
C SER J 11 29.41 22.29 1.13
N SER J 12 30.23 23.11 1.80
CA SER J 12 30.93 24.21 1.14
C SER J 12 32.00 23.71 0.16
N ARG J 13 32.62 22.56 0.42
CA ARG J 13 33.48 21.89 -0.56
C ARG J 13 32.69 21.44 -1.79
N ALA J 14 31.49 20.92 -1.60
CA ALA J 14 30.58 20.56 -2.70
C ALA J 14 29.94 21.77 -3.39
N GLY J 15 29.92 22.94 -2.76
CA GLY J 15 29.14 24.09 -3.21
C GLY J 15 27.64 24.00 -2.92
N LEU J 16 27.23 23.02 -2.11
CA LEU J 16 25.86 22.83 -1.64
C LEU J 16 25.57 23.70 -0.41
N GLN J 17 24.29 23.86 -0.09
CA GLN J 17 23.81 24.58 1.10
C GLN J 17 23.16 23.65 2.13
N PHE J 18 22.62 22.50 1.72
CA PHE J 18 22.20 21.43 2.63
C PHE J 18 23.38 20.81 3.39
N PRO J 19 23.17 20.27 4.60
CA PRO J 19 24.25 19.85 5.49
C PRO J 19 24.77 18.45 5.19
N VAL J 20 25.76 18.33 4.32
CA VAL J 20 26.30 17.04 3.91
C VAL J 20 26.73 16.22 5.11
N GLY J 21 27.35 16.84 6.10
CA GLY J 21 27.76 16.17 7.32
C GLY J 21 26.59 15.49 8.02
N ARG J 22 25.51 16.25 8.26
CA ARG J 22 24.32 15.71 8.93
C ARG J 22 23.71 14.57 8.13
N VAL J 23 23.66 14.70 6.81
CA VAL J 23 23.16 13.60 5.97
C VAL J 23 24.02 12.36 6.17
N HIS J 24 25.35 12.48 6.13
CA HIS J 24 26.21 11.31 6.32
C HIS J 24 26.00 10.67 7.69
N ARG J 25 25.88 11.51 8.72
CA ARG J 25 25.62 11.07 10.09
C ARG J 25 24.29 10.34 10.16
N LEU J 26 23.24 10.87 9.54
CA LEU J 26 21.94 10.20 9.49
C LEU J 26 21.98 8.88 8.72
N LEU J 27 22.66 8.81 7.57
CA LEU J 27 22.69 7.58 6.80
C LEU J 27 23.36 6.44 7.57
N ARG J 28 24.45 6.70 8.29
CA ARG J 28 25.01 5.67 9.17
C ARG J 28 24.12 5.41 10.37
N LYS J 29 23.68 6.44 11.08
CA LYS J 29 22.99 6.26 12.37
C LYS J 29 21.57 5.69 12.24
N GLY J 30 20.89 5.91 11.11
CA GLY J 30 19.62 5.23 10.79
C GLY J 30 19.79 3.76 10.42
N ASN J 31 21.04 3.31 10.27
CA ASN J 31 21.41 1.94 9.92
C ASN J 31 20.77 1.45 8.60
N TYR J 32 20.86 2.26 7.54
CA TYR J 32 20.45 1.88 6.19
C TYR J 32 21.38 0.85 5.54
N SER J 33 22.64 0.80 5.97
CA SER J 33 23.63 -0.21 5.59
C SER J 33 24.82 -0.13 6.53
N GLU J 34 25.69 -1.13 6.60
CA GLU J 34 26.85 -1.04 7.50
C GLU J 34 27.89 -0.02 7.02
N ARG J 35 27.94 0.31 5.73
CA ARG J 35 28.89 1.29 5.17
C ARG J 35 28.19 2.27 4.25
N VAL J 36 28.55 3.55 4.29
CA VAL J 36 27.93 4.63 3.50
C VAL J 36 29.02 5.45 2.84
N GLY J 37 29.22 5.21 1.54
CA GLY J 37 30.35 5.76 0.80
C GLY J 37 30.34 7.27 0.69
N ALA J 38 31.51 7.90 0.64
CA ALA J 38 31.64 9.34 0.86
C ALA J 38 30.86 10.20 -0.15
N GLY J 39 30.62 9.72 -1.36
CA GLY J 39 29.79 10.43 -2.33
C GLY J 39 28.31 10.45 -1.98
N ALA J 40 27.78 9.40 -1.34
CA ALA J 40 26.34 9.25 -1.13
C ALA J 40 25.70 10.45 -0.43
N PRO J 41 26.22 10.95 0.70
CA PRO J 41 25.60 12.08 1.36
C PRO J 41 25.73 13.35 0.52
N VAL J 42 26.77 13.53 -0.28
CA VAL J 42 26.86 14.67 -1.20
C VAL J 42 25.73 14.60 -2.19
N TYR J 43 25.61 13.46 -2.86
CA TYR J 43 24.61 13.31 -3.90
C TYR J 43 23.21 13.46 -3.33
N LEU J 44 22.95 12.84 -2.19
CA LEU J 44 21.64 12.94 -1.56
C LEU J 44 21.36 14.37 -1.13
N ALA J 45 22.33 15.05 -0.52
CA ALA J 45 22.14 16.43 -0.14
C ALA J 45 21.81 17.29 -1.35
N ALA J 46 22.48 17.09 -2.48
CA ALA J 46 22.16 17.80 -3.70
C ALA J 46 20.73 17.53 -4.16
N VAL J 47 20.25 16.28 -4.07
CA VAL J 47 18.88 15.96 -4.48
C VAL J 47 17.86 16.58 -3.55
N LEU J 48 18.05 16.50 -2.24
CA LEU J 48 17.16 17.15 -1.30
C LEU J 48 17.16 18.67 -1.52
N GLU J 49 18.32 19.24 -1.76
CA GLU J 49 18.45 20.65 -2.08
C GLU J 49 17.69 21.00 -3.35
N TYR J 50 17.87 20.24 -4.42
CA TYR J 50 17.16 20.49 -5.66
C TYR J 50 15.64 20.38 -5.49
N LEU J 51 15.13 19.34 -4.82
CA LEU J 51 13.69 19.24 -4.58
C LEU J 51 13.19 20.40 -3.73
N THR J 52 13.97 20.81 -2.73
CA THR J 52 13.63 21.96 -1.91
C THR J 52 13.61 23.25 -2.72
N ALA J 53 14.56 23.45 -3.62
CA ALA J 53 14.54 24.60 -4.52
C ALA J 53 13.28 24.54 -5.41
N GLU J 54 12.99 23.39 -5.98
CA GLU J 54 11.86 23.23 -6.89
C GLU J 54 10.54 23.54 -6.18
N ILE J 55 10.29 22.97 -5.00
CA ILE J 55 9.03 23.17 -4.31
C ILE J 55 8.89 24.59 -3.77
N LEU J 56 9.96 25.21 -3.27
CA LEU J 56 9.91 26.58 -2.78
C LEU J 56 9.82 27.60 -3.92
N GLU J 57 10.46 27.37 -5.05
CA GLU J 57 10.27 28.21 -6.22
C GLU J 57 8.79 28.27 -6.60
N LEU J 58 8.10 27.12 -6.63
CA LEU J 58 6.67 27.11 -6.88
C LEU J 58 5.88 27.76 -5.75
N ALA J 59 6.18 27.44 -4.49
CA ALA J 59 5.43 27.98 -3.38
C ALA J 59 5.51 29.51 -3.29
N GLY J 60 6.70 30.08 -3.48
CA GLY J 60 6.88 31.52 -3.44
C GLY J 60 6.18 32.22 -4.60
N ASN J 61 6.26 31.66 -5.81
CA ASN J 61 5.51 32.19 -6.94
C ASN J 61 4.00 32.13 -6.67
N ALA J 62 3.49 31.03 -6.10
CA ALA J 62 2.10 30.94 -5.70
C ALA J 62 1.74 31.96 -4.61
N ALA J 63 2.56 32.13 -3.58
CA ALA J 63 2.32 33.08 -2.51
C ALA J 63 2.30 34.53 -3.00
N ARG J 64 3.27 34.91 -3.85
CA ARG J 64 3.34 36.22 -4.49
C ARG J 64 2.10 36.47 -5.34
N ASP J 65 1.69 35.51 -6.14
CA ASP J 65 0.48 35.65 -6.96
C ASP J 65 -0.81 35.64 -6.12
N ASN J 66 -0.75 35.11 -4.89
CA ASN J 66 -1.77 35.27 -3.86
C ASN J 66 -1.60 36.55 -3.03
N LYS J 67 -0.73 37.48 -3.47
CA LYS J 67 -0.46 38.80 -2.89
C LYS J 67 0.22 38.82 -1.51
N LYS J 68 0.54 37.67 -0.91
CA LYS J 68 1.26 37.58 0.37
C LYS J 68 2.77 37.60 0.15
N THR J 69 3.57 37.62 1.22
CA THR J 69 5.03 37.70 1.15
C THR J 69 5.75 36.66 2.02
N ARG J 70 5.02 35.97 2.89
CA ARG J 70 5.46 34.86 3.73
C ARG J 70 4.79 33.58 3.26
N ILE J 71 5.53 32.50 3.07
CA ILE J 71 4.95 31.18 2.79
C ILE J 71 4.14 30.70 4.00
N ILE J 72 2.96 30.16 3.75
CA ILE J 72 2.11 29.44 4.72
C ILE J 72 1.65 28.12 4.08
N PRO J 73 1.21 27.11 4.84
CA PRO J 73 0.93 25.78 4.30
C PRO J 73 0.02 25.80 3.10
N ARG J 74 -0.93 26.74 3.07
CA ARG J 74 -1.79 27.01 1.91
C ARG J 74 -1.00 27.16 0.62
N HIS J 75 0.06 27.97 0.60
CA HIS J 75 0.84 28.18 -0.61
C HIS J 75 1.60 26.92 -1.02
N LEU J 76 2.10 26.15 -0.07
CA LEU J 76 2.72 24.87 -0.38
C LEU J 76 1.71 23.91 -1.00
N GLN J 77 0.52 23.78 -0.43
CA GLN J 77 -0.54 22.94 -1.00
C GLN J 77 -0.94 23.41 -2.41
N LEU J 78 -1.03 24.72 -2.66
CA LEU J 78 -1.31 25.22 -4.00
C LEU J 78 -0.20 24.92 -5.00
N ALA J 79 1.07 25.00 -4.60
CA ALA J 79 2.16 24.57 -5.47
C ALA J 79 2.12 23.07 -5.75
N ILE J 80 2.05 22.25 -4.69
CA ILE J 80 2.10 20.78 -4.81
C ILE J 80 0.95 20.24 -5.65
N ARG J 81 -0.26 20.78 -5.55
CA ARG J 81 -1.40 20.29 -6.34
C ARG J 81 -1.51 20.93 -7.72
N ASN J 82 -0.85 22.06 -7.99
CA ASN J 82 -0.77 22.57 -9.35
C ASN J 82 0.21 21.76 -10.20
N ASP J 83 1.39 21.44 -9.67
CA ASP J 83 2.42 20.76 -10.44
C ASP J 83 2.13 19.26 -10.64
N GLU J 84 1.94 18.82 -11.87
CA GLU J 84 1.68 17.41 -12.17
C GLU J 84 2.84 16.47 -11.79
N GLU J 85 4.07 16.96 -11.64
CA GLU J 85 5.18 16.14 -11.18
C GLU J 85 5.13 15.96 -9.66
N LEU J 86 5.24 17.04 -8.87
CA LEU J 86 5.18 16.91 -7.43
C LEU J 86 3.86 16.27 -6.97
N ASN J 87 2.73 16.50 -7.64
CA ASN J 87 1.49 15.88 -7.20
C ASN J 87 1.57 14.36 -7.22
N LYS J 88 2.33 13.73 -8.13
CA LYS J 88 2.49 12.27 -8.14
C LYS J 88 3.68 11.77 -7.33
N LEU J 89 4.59 12.64 -6.91
CA LEU J 89 5.52 12.36 -5.82
C LEU J 89 4.80 12.37 -4.46
N LEU J 90 3.80 13.24 -4.32
CA LEU J 90 3.12 13.57 -3.07
C LEU J 90 1.63 13.19 -3.09
N GLY J 91 1.28 12.10 -3.77
CA GLY J 91 -0.10 11.63 -3.83
C GLY J 91 -0.61 11.08 -2.49
N ARG J 92 0.29 10.57 -1.65
CA ARG J 92 -0.03 9.88 -0.38
C ARG J 92 0.27 10.74 0.86
N VAL J 93 0.18 12.06 0.75
CA VAL J 93 0.43 12.99 1.86
C VAL J 93 -0.64 14.04 2.03
N THR J 94 -0.90 14.39 3.28
CA THR J 94 -1.69 15.53 3.70
C THR J 94 -0.77 16.64 4.19
N ILE J 95 -0.97 17.86 3.71
CA ILE J 95 -0.31 19.06 4.23
C ILE J 95 -1.19 19.62 5.35
N ALA J 96 -0.73 19.61 6.60
CA ALA J 96 -1.52 20.14 7.71
C ALA J 96 -1.92 21.62 7.48
N GLN J 97 -3.19 21.95 7.69
CA GLN J 97 -3.77 23.27 7.41
C GLN J 97 -3.59 23.78 5.97
N GLY J 98 -3.24 22.91 5.01
CA GLY J 98 -3.01 23.32 3.63
C GLY J 98 -4.29 23.66 2.85
N GLY J 99 -5.45 23.22 3.31
CA GLY J 99 -6.69 23.28 2.54
C GLY J 99 -6.67 22.34 1.34
N VAL J 100 -7.42 22.66 0.29
CA VAL J 100 -7.52 21.86 -0.93
C VAL J 100 -7.46 22.74 -2.18
N LEU J 101 -7.06 22.18 -3.31
CA LEU J 101 -7.02 22.89 -4.58
C LEU J 101 -8.45 23.28 -5.01
N PRO J 102 -8.78 24.57 -5.18
CA PRO J 102 -10.16 24.97 -5.41
C PRO J 102 -10.66 24.51 -6.78
N ASN J 103 -11.72 23.71 -6.80
CA ASN J 103 -12.37 23.21 -8.01
C ASN J 103 -13.86 22.97 -7.78
N ILE J 104 -14.65 23.28 -8.81
CA ILE J 104 -16.03 22.83 -8.99
C ILE J 104 -16.00 21.76 -10.08
N GLN J 105 -16.62 20.60 -9.88
CA GLN J 105 -16.77 19.62 -10.97
C GLN J 105 -17.62 20.23 -12.11
N ALA J 106 -17.19 20.11 -13.36
CA ALA J 106 -17.72 20.91 -14.47
C ALA J 106 -19.25 20.82 -14.65
N VAL J 107 -19.83 19.65 -14.41
CA VAL J 107 -21.28 19.39 -14.51
C VAL J 107 -22.11 20.20 -13.50
N LEU J 108 -21.53 20.64 -12.38
CA LEU J 108 -22.25 21.39 -11.34
C LEU J 108 -22.48 22.84 -11.73
N LEU J 109 -21.72 23.38 -12.69
CA LEU J 109 -21.78 24.79 -13.08
C LEU J 109 -23.15 25.12 -13.71
N PRO J 110 -23.77 26.27 -13.37
CA PRO J 110 -25.01 26.73 -13.99
C PRO J 110 -24.94 26.91 -15.52
N LYS J 111 -26.11 27.06 -16.15
CA LYS J 111 -26.32 27.18 -17.61
C LYS J 111 -25.82 25.96 -18.39
N ARG K 1 20.54 19.97 28.47
CA ARG K 1 19.07 19.78 28.59
C ARG K 1 18.55 18.89 27.47
N SER K 2 18.21 19.44 26.29
CA SER K 2 17.59 18.72 25.16
C SER K 2 17.96 19.37 23.83
N ARG K 3 17.80 18.65 22.70
CA ARG K 3 17.95 19.19 21.33
C ARG K 3 16.93 18.57 20.36
N LYS K 4 16.52 19.31 19.34
CA LYS K 4 15.55 18.89 18.31
C LYS K 4 16.17 18.47 16.98
N GLU K 5 17.32 19.03 16.60
CA GLU K 5 18.04 18.68 15.37
C GLU K 5 17.18 18.81 14.10
N SER K 6 17.08 20.03 13.53
CA SER K 6 16.05 20.37 12.53
C SER K 6 16.64 20.85 11.20
N TYR K 7 15.96 20.62 10.09
CA TYR K 7 16.34 21.21 8.80
C TYR K 7 16.00 22.70 8.67
N SER K 8 15.35 23.31 9.66
CA SER K 8 14.73 24.64 9.52
C SER K 8 15.64 25.69 8.90
N ILE K 9 16.87 25.84 9.36
CA ILE K 9 17.72 26.93 8.87
C ILE K 9 18.19 26.69 7.44
N TYR K 10 18.36 25.45 6.99
CA TYR K 10 18.82 25.21 5.64
C TYR K 10 17.74 25.55 4.62
N VAL K 11 16.50 25.10 4.85
CA VAL K 11 15.43 25.47 3.92
C VAL K 11 15.21 26.96 3.95
N TYR K 12 15.38 27.63 5.09
CA TYR K 12 15.33 29.09 5.13
C TYR K 12 16.41 29.70 4.24
N LYS K 13 17.65 29.20 4.32
CA LYS K 13 18.75 29.68 3.52
C LYS K 13 18.51 29.43 2.02
N VAL K 14 17.95 28.28 1.67
CA VAL K 14 17.56 27.95 0.29
C VAL K 14 16.40 28.82 -0.20
N LEU K 15 15.41 29.13 0.64
CA LEU K 15 14.37 30.09 0.25
C LEU K 15 15.02 31.42 -0.12
N LYS K 16 15.83 31.99 0.77
CA LYS K 16 16.51 33.26 0.49
C LYS K 16 17.43 33.19 -0.73
N GLN K 17 17.90 32.00 -1.10
CA GLN K 17 18.66 31.84 -2.33
C GLN K 17 17.80 32.02 -3.60
N VAL K 18 16.52 31.61 -3.58
CA VAL K 18 15.65 31.66 -4.78
C VAL K 18 14.63 32.80 -4.78
N HIS K 19 14.23 33.31 -3.61
CA HIS K 19 13.30 34.42 -3.45
C HIS K 19 13.78 35.34 -2.33
N PRO K 20 14.79 36.18 -2.58
CA PRO K 20 15.45 36.98 -1.54
C PRO K 20 14.51 37.86 -0.70
N ASP K 21 13.31 38.16 -1.17
CA ASP K 21 12.29 38.95 -0.48
C ASP K 21 11.42 38.15 0.49
N THR K 22 11.30 36.83 0.31
CA THR K 22 10.22 36.01 0.89
C THR K 22 10.57 35.44 2.28
N GLY K 23 9.57 35.12 3.10
CA GLY K 23 9.74 34.50 4.44
C GLY K 23 8.99 33.17 4.63
N ILE K 24 9.17 32.47 5.76
CA ILE K 24 8.51 31.19 6.08
C ILE K 24 7.77 31.29 7.42
N SER K 25 6.45 31.07 7.46
CA SER K 25 5.78 30.86 8.75
C SER K 25 6.23 29.55 9.37
N SER K 26 6.44 29.48 10.69
CA SER K 26 6.92 28.26 11.33
C SER K 26 6.02 27.04 11.07
N LYS K 27 4.74 27.22 10.78
CA LYS K 27 3.89 26.12 10.30
C LYS K 27 4.39 25.58 8.97
N ALA K 28 4.65 26.44 7.99
CA ALA K 28 5.26 26.02 6.74
C ALA K 28 6.66 25.46 6.95
N MET K 29 7.42 25.95 7.92
CA MET K 29 8.70 25.35 8.27
C MET K 29 8.51 23.91 8.74
N GLY K 30 7.51 23.66 9.57
CA GLY K 30 7.14 22.32 10.01
C GLY K 30 6.75 21.43 8.83
N ILE K 31 6.03 21.95 7.84
CA ILE K 31 5.78 21.21 6.60
C ILE K 31 7.10 20.83 5.95
N MET K 32 8.00 21.77 5.71
CA MET K 32 9.26 21.49 5.05
C MET K 32 10.13 20.51 5.82
N ASN K 33 10.31 20.73 7.13
CA ASN K 33 11.06 19.84 7.98
C ASN K 33 10.41 18.44 8.08
N SER K 34 9.14 18.30 7.71
CA SER K 34 8.55 16.98 7.49
C SER K 34 8.91 16.49 6.09
N PHE K 35 8.62 17.27 5.06
CA PHE K 35 8.78 16.88 3.66
C PHE K 35 10.20 16.43 3.34
N VAL K 36 11.20 17.23 3.68
CA VAL K 36 12.57 16.85 3.33
C VAL K 36 13.00 15.60 4.10
N ASN K 37 12.47 15.41 5.29
CA ASN K 37 12.74 14.24 6.09
C ASN K 37 12.05 12.99 5.51
N ASP K 38 10.81 13.11 5.06
CA ASP K 38 10.09 12.01 4.40
C ASP K 38 10.80 11.60 3.11
N ILE K 39 11.18 12.55 2.26
CA ILE K 39 11.93 12.23 1.05
C ILE K 39 13.25 11.56 1.42
N PHE K 40 13.96 12.04 2.44
CA PHE K 40 15.17 11.38 2.89
C PHE K 40 14.90 9.93 3.31
N GLU K 41 13.86 9.66 4.10
CA GLU K 41 13.52 8.28 4.46
C GLU K 41 13.19 7.43 3.25
N ARG K 42 12.44 7.97 2.28
CA ARG K 42 12.14 7.22 1.06
C ARG K 42 13.41 6.88 0.30
N ILE K 43 14.25 7.86 0.01
CA ILE K 43 15.44 7.64 -0.81
C ILE K 43 16.44 6.74 -0.09
N ALA K 44 16.67 6.95 1.19
CA ALA K 44 17.58 6.09 1.92
C ALA K 44 17.03 4.65 1.99
N GLY K 45 15.74 4.49 2.27
CA GLY K 45 15.09 3.19 2.31
C GLY K 45 15.16 2.47 0.98
N GLU K 46 14.95 3.18 -0.12
CA GLU K 46 15.04 2.61 -1.45
C GLU K 46 16.48 2.25 -1.82
N ALA K 47 17.45 3.12 -1.55
CA ALA K 47 18.85 2.80 -1.80
C ALA K 47 19.29 1.60 -0.97
N SER K 48 18.87 1.53 0.29
CA SER K 48 19.16 0.40 1.15
C SER K 48 18.63 -0.89 0.56
N ARG K 49 17.33 -0.94 0.24
CA ARG K 49 16.72 -2.16 -0.31
C ARG K 49 17.38 -2.55 -1.62
N LEU K 50 17.72 -1.60 -2.48
CA LEU K 50 18.45 -1.86 -3.70
C LEU K 50 19.85 -2.44 -3.44
N ALA K 51 20.58 -1.94 -2.44
CA ALA K 51 21.89 -2.49 -2.12
C ALA K 51 21.79 -3.91 -1.56
N HIS K 52 20.81 -4.17 -0.70
CA HIS K 52 20.50 -5.51 -0.20
C HIS K 52 20.11 -6.45 -1.35
N TYR K 53 19.31 -5.98 -2.31
CA TYR K 53 18.97 -6.69 -3.53
C TYR K 53 20.16 -6.91 -4.48
N ASN K 54 21.34 -6.37 -4.19
CA ASN K 54 22.59 -6.70 -4.86
C ASN K 54 23.62 -7.33 -3.92
N LYS K 55 23.22 -7.64 -2.69
CA LYS K 55 24.07 -8.14 -1.60
C LYS K 55 25.38 -7.36 -1.46
N ARG K 56 25.28 -6.03 -1.43
CA ARG K 56 26.40 -5.10 -1.17
C ARG K 56 26.29 -4.48 0.21
N SER K 57 27.41 -4.41 0.92
CA SER K 57 27.51 -3.82 2.25
C SER K 57 27.48 -2.29 2.22
N THR K 58 27.90 -1.70 1.12
CA THR K 58 27.92 -0.26 0.91
C THR K 58 26.65 0.27 0.30
N ILE K 59 26.38 1.56 0.47
CA ILE K 59 25.60 2.34 -0.51
C ILE K 59 26.48 3.50 -0.95
N THR K 60 26.45 3.84 -2.23
CA THR K 60 27.33 4.84 -2.84
C THR K 60 26.55 5.71 -3.81
N SER K 61 27.20 6.68 -4.45
CA SER K 61 26.55 7.54 -5.43
C SER K 61 25.74 6.75 -6.46
N ARG K 62 26.21 5.61 -6.99
CA ARG K 62 25.40 4.88 -7.98
C ARG K 62 24.15 4.23 -7.38
N GLU K 63 24.20 3.70 -6.15
CA GLU K 63 22.99 3.16 -5.55
C GLU K 63 21.96 4.26 -5.33
N ILE K 64 22.39 5.40 -4.79
CA ILE K 64 21.44 6.45 -4.46
C ILE K 64 20.97 7.22 -5.69
N GLN K 65 21.81 7.35 -6.72
CA GLN K 65 21.37 7.80 -8.04
C GLN K 65 20.25 6.89 -8.54
N THR K 66 20.43 5.58 -8.46
CA THR K 66 19.40 4.66 -8.90
C THR K 66 18.14 4.80 -8.08
N ALA K 67 18.25 4.92 -6.76
CA ALA K 67 17.07 5.13 -5.92
C ALA K 67 16.29 6.36 -6.34
N VAL K 68 16.97 7.46 -6.64
CA VAL K 68 16.32 8.68 -7.11
C VAL K 68 15.68 8.48 -8.47
N ARG K 69 16.36 7.79 -9.39
CA ARG K 69 15.84 7.45 -10.72
C ARG K 69 14.57 6.60 -10.64
N LEU K 70 14.45 5.69 -9.66
CA LEU K 70 13.18 5.01 -9.40
C LEU K 70 12.16 6.00 -8.85
N LEU K 71 12.51 6.66 -7.75
CA LEU K 71 11.50 7.10 -6.81
C LEU K 71 10.84 8.43 -7.18
N LEU K 72 11.58 9.34 -7.81
CA LEU K 72 11.02 10.58 -8.35
C LEU K 72 10.18 10.32 -9.61
N PRO K 73 9.31 11.26 -10.01
CA PRO K 73 8.44 11.11 -11.16
C PRO K 73 9.19 11.35 -12.49
N GLY K 74 8.67 12.18 -13.39
CA GLY K 74 9.24 12.43 -14.71
C GLY K 74 10.46 13.35 -14.66
N GLU K 75 10.32 14.60 -15.07
CA GLU K 75 11.46 15.50 -15.28
C GLU K 75 12.21 15.80 -14.00
N LEU K 76 11.57 15.72 -12.84
CA LEU K 76 12.26 15.84 -11.56
C LEU K 76 13.39 14.81 -11.41
N ALA K 77 13.25 13.61 -12.00
CA ALA K 77 14.30 12.63 -11.95
C ALA K 77 15.55 13.12 -12.70
N LYS K 78 15.44 13.46 -13.98
CA LYS K 78 16.63 13.84 -14.76
C LYS K 78 17.23 15.18 -14.33
N HIS K 79 16.43 16.12 -13.85
CA HIS K 79 16.98 17.33 -13.21
C HIS K 79 17.71 16.98 -11.92
N ALA K 80 17.09 16.22 -11.01
CA ALA K 80 17.75 15.84 -9.76
C ALA K 80 19.05 15.09 -9.99
N VAL K 81 19.07 14.15 -10.94
CA VAL K 81 20.30 13.44 -11.32
C VAL K 81 21.35 14.39 -11.88
N SER K 82 20.95 15.41 -12.63
CA SER K 82 21.89 16.44 -13.08
C SER K 82 22.48 17.19 -11.90
N GLU K 83 21.69 17.61 -10.92
CA GLU K 83 22.20 18.31 -9.74
C GLU K 83 23.07 17.42 -8.86
N GLY K 84 22.70 16.16 -8.66
CA GLY K 84 23.51 15.21 -7.92
C GLY K 84 24.87 14.96 -8.58
N THR K 85 24.89 14.80 -9.90
CA THR K 85 26.15 14.59 -10.61
C THR K 85 26.98 15.86 -10.69
N LYS K 86 26.40 17.06 -10.84
CA LYS K 86 27.14 18.32 -10.68
C LYS K 86 27.83 18.35 -9.33
N ALA K 87 27.08 18.11 -8.26
CA ALA K 87 27.60 18.19 -6.91
C ALA K 87 28.74 17.19 -6.69
N VAL K 88 28.54 15.90 -6.98
CA VAL K 88 29.60 14.91 -6.76
C VAL K 88 30.83 15.21 -7.60
N THR K 89 30.66 15.68 -8.83
CA THR K 89 31.80 16.14 -9.63
C THR K 89 32.54 17.26 -8.93
N LYS K 90 31.84 18.33 -8.54
CA LYS K 90 32.47 19.50 -7.94
C LYS K 90 33.01 19.25 -6.53
N TYR K 91 32.55 18.19 -5.86
CA TYR K 91 33.08 17.77 -4.57
C TYR K 91 34.36 16.96 -4.72
N THR K 92 34.41 16.03 -5.66
CA THR K 92 35.51 15.07 -5.75
C THR K 92 36.82 15.68 -6.25
N SER K 93 36.81 16.87 -6.87
CA SER K 93 38.02 17.65 -7.14
C SER K 93 38.51 18.37 -5.89
#